data_9JR7
#
_entry.id   9JR7
#
_cell.length_a   196.281
_cell.length_b   196.281
_cell.length_c   144.629
_cell.angle_alpha   90.00
_cell.angle_beta   90.00
_cell.angle_gamma   90.00
#
_symmetry.space_group_name_H-M   'I 41 2 2'
#
loop_
_entity.id
_entity.type
_entity.pdbx_description
1 polymer 'Angiotensin-converting enzyme'
2 polymer 'Spike glycoprotein'
3 non-polymer 2-acetamido-2-deoxy-beta-D-glucopyranose
#
loop_
_entity_poly.entity_id
_entity_poly.type
_entity_poly.pdbx_seq_one_letter_code
_entity_poly.pdbx_strand_id
1 'polypeptide(L)'
;MLGSSWILLSFVAVTAAQSTIEELAKTFLDKFNQEAEDLDHQRSLAAWNYNTNITKENTEKMNEAEAKWSAFYEEQSKLA
KDYPLQEIQNFTLKRQLQALQQSGSSALSANKREQLNTILNTMSTIYSTGKVCNPKKPQECLLLEPGLDEIMANSTDYSE
RLWVWEGWRSEVGKQLRPLYEEYVVLKNEMARANNYEDYGDYWRGDYEAEGADGYGYNRNQLIEDVERTFAEIKPLYEHL
HAYVRAKLMNTYPSYISPTGCLPAHLLGDMWGRFWTNLYSLTVPFPEKPNIDVTDAMINQNWNAVRIFKEAEKFFVSVGL
PNMTQGFWENSMLTEPTDGRKVVCHPTAWDLQKGDFRIKMCTKVTMDNFLTAHHEMGHIQYDMAYAMQPYLLRNGANEGF
HEAVGEIMSLSASTPKHLKSIGLLPSDFREDNETEINFLLKQALTIVGTLPFTYMLEKWRWMVFKGEIPKDQWMKKWWEM
KREIVGVMEPVPHDETYCDPAALYHVSNDFSFIRYYTRTIYQFQFQEALCQAAKHEGPLHKCDISNSTEAGQKLLNMLRL
GKSKPWTLALENVVGARNMDVRPLLNYFEPLFGWLKDQNRNSFVGWNTD
;
A
2 'polypeptide(L)'
;TNLCPFGEVFNASKFASVYAWNRKRISNCVADYSVLYNSTSFSTFKCYGVSPTKLNDLCFTNVYADSFVVKGDEVRQIAP
GQTGVIADYNYKLPDDFTGCVIAWNSVKQDALTGGNYGYLYRLFRKSKLKPFERDISTEIYQAGSTPCNGQVGLNCYYPL
ERYGFHPTTGVNYQPFRVVVLSFELLNGPATVCG
;
E
#
loop_
_chem_comp.id
_chem_comp.type
_chem_comp.name
_chem_comp.formula
NAG D-saccharide, beta linking 2-acetamido-2-deoxy-beta-D-glucopyranose 'C8 H15 N O6'
#
# COMPACT_ATOMS: atom_id res chain seq x y z
N SER A 19 12.04 29.48 14.62
CA SER A 19 13.17 29.80 15.47
C SER A 19 13.99 28.55 15.82
N THR A 20 13.47 27.66 16.68
CA THR A 20 14.24 26.50 17.13
C THR A 20 14.46 25.49 15.99
N ILE A 21 15.20 24.42 16.31
CA ILE A 21 15.52 23.41 15.30
C ILE A 21 14.25 22.70 14.87
N GLU A 22 13.39 22.35 15.84
CA GLU A 22 12.17 21.63 15.51
C GLU A 22 11.24 22.49 14.65
N GLU A 23 11.10 23.78 14.99
CA GLU A 23 10.19 24.64 14.26
C GLU A 23 10.62 24.75 12.78
N LEU A 24 11.89 25.05 12.57
CA LEU A 24 12.48 24.96 11.24
C LEU A 24 12.22 23.61 10.58
N ALA A 25 12.14 22.54 11.40
CA ALA A 25 11.99 21.20 10.86
C ALA A 25 10.59 20.96 10.34
N LYS A 26 9.59 21.28 11.16
CA LYS A 26 8.20 21.42 10.70
C LYS A 26 8.16 22.07 9.33
N THR A 27 8.71 23.28 9.27
CA THR A 27 8.62 24.07 8.06
C THR A 27 9.22 23.33 6.88
N PHE A 28 10.40 22.74 7.10
CA PHE A 28 11.02 21.95 6.05
C PHE A 28 10.08 20.90 5.55
N LEU A 29 9.46 20.18 6.48
CA LEU A 29 8.59 19.07 6.12
C LEU A 29 7.42 19.55 5.30
N ASP A 30 6.77 20.63 5.75
CA ASP A 30 5.62 21.16 5.03
C ASP A 30 5.99 21.39 3.58
N LYS A 31 7.12 22.07 3.34
CA LYS A 31 7.64 22.13 1.98
C LYS A 31 7.70 20.75 1.37
N PHE A 32 8.23 19.79 2.12
CA PHE A 32 8.48 18.50 1.50
C PHE A 32 7.17 17.87 1.10
N ASN A 33 6.41 17.33 2.06
CA ASN A 33 5.06 16.79 1.85
C ASN A 33 4.37 17.42 0.65
N GLN A 34 4.39 18.75 0.56
CA GLN A 34 3.66 19.37 -0.54
C GLN A 34 4.35 19.17 -1.88
N GLU A 35 5.68 19.24 -1.93
CA GLU A 35 6.33 19.02 -3.22
C GLU A 35 6.38 17.54 -3.57
N ALA A 36 6.70 16.73 -2.57
CA ALA A 36 6.70 15.28 -2.74
C ALA A 36 5.38 14.81 -3.32
N GLU A 37 4.28 15.15 -2.65
CA GLU A 37 2.98 14.67 -3.09
C GLU A 37 2.79 14.90 -4.58
N ASP A 38 3.11 16.10 -5.07
CA ASP A 38 2.93 16.35 -6.49
C ASP A 38 3.83 15.47 -7.35
N LEU A 39 5.08 15.29 -6.95
CA LEU A 39 5.89 14.55 -7.90
C LEU A 39 5.53 13.07 -7.84
N ASP A 40 5.05 12.60 -6.70
CA ASP A 40 4.61 11.22 -6.60
C ASP A 40 3.38 11.00 -7.47
N HIS A 41 2.47 11.98 -7.49
CA HIS A 41 1.36 11.93 -8.44
C HIS A 41 1.89 11.73 -9.85
N GLN A 42 2.92 12.50 -10.24
CA GLN A 42 3.35 12.39 -11.63
C GLN A 42 4.04 11.07 -11.92
N ARG A 43 4.92 10.61 -11.03
CA ARG A 43 5.56 9.32 -11.25
C ARG A 43 4.52 8.22 -11.39
N SER A 44 3.61 8.13 -10.42
CA SER A 44 2.61 7.07 -10.43
C SER A 44 1.76 7.15 -11.69
N LEU A 45 1.29 8.35 -12.04
CA LEU A 45 0.58 8.53 -13.30
C LEU A 45 1.36 7.94 -14.47
N ALA A 46 2.66 8.24 -14.55
CA ALA A 46 3.47 7.74 -15.65
C ALA A 46 3.50 6.22 -15.67
N ALA A 47 3.67 5.62 -14.48
CA ALA A 47 3.70 4.16 -14.38
C ALA A 47 2.37 3.53 -14.75
N TRP A 48 1.26 4.21 -14.43
CA TRP A 48 -0.06 3.70 -14.77
C TRP A 48 -0.28 3.72 -16.28
N ASN A 49 0.17 4.77 -16.95
CA ASN A 49 0.08 4.71 -18.41
C ASN A 49 0.93 3.60 -18.97
N TYR A 50 2.08 3.32 -18.35
CA TYR A 50 2.85 2.20 -18.86
C TYR A 50 2.10 0.89 -18.65
N ASN A 51 1.72 0.61 -17.41
CA ASN A 51 1.13 -0.68 -17.09
C ASN A 51 -0.08 -0.96 -17.96
N THR A 52 -1.04 -0.02 -18.00
CA THR A 52 -2.23 -0.22 -18.80
C THR A 52 -2.04 0.03 -20.28
N ASN A 53 -0.88 0.54 -20.73
CA ASN A 53 -0.66 0.76 -22.17
C ASN A 53 0.84 0.62 -22.42
N ILE A 54 1.29 -0.60 -22.69
CA ILE A 54 2.71 -0.92 -22.76
C ILE A 54 3.20 -0.56 -24.16
N THR A 55 3.82 0.61 -24.28
CA THR A 55 4.47 1.09 -25.49
C THR A 55 5.87 1.55 -25.13
N LYS A 56 6.76 1.46 -26.12
CA LYS A 56 8.13 1.94 -25.93
C LYS A 56 8.14 3.38 -25.44
N GLU A 57 7.29 4.21 -26.02
CA GLU A 57 7.20 5.59 -25.56
C GLU A 57 6.79 5.67 -24.10
N ASN A 58 5.81 4.87 -23.69
CA ASN A 58 5.30 4.97 -22.31
C ASN A 58 6.27 4.38 -21.31
N THR A 59 7.10 3.42 -21.74
CA THR A 59 8.26 3.02 -20.94
C THR A 59 9.25 4.17 -20.80
N GLU A 60 9.57 4.83 -21.92
CA GLU A 60 10.45 5.98 -21.87
C GLU A 60 9.99 6.97 -20.81
N LYS A 61 8.72 7.36 -20.88
CA LYS A 61 8.22 8.37 -19.95
C LYS A 61 8.16 7.86 -18.52
N MET A 62 7.86 6.58 -18.34
CA MET A 62 7.84 6.05 -16.98
C MET A 62 9.22 6.12 -16.35
N ASN A 63 10.25 5.80 -17.14
CA ASN A 63 11.61 5.87 -16.61
C ASN A 63 12.06 7.30 -16.37
N GLU A 64 11.75 8.21 -17.31
CA GLU A 64 12.08 9.62 -17.12
C GLU A 64 11.49 10.14 -15.81
N ALA A 65 10.18 9.94 -15.62
CA ALA A 65 9.53 10.38 -14.40
C ALA A 65 10.12 9.70 -13.18
N GLU A 66 10.57 8.45 -13.33
CA GLU A 66 11.20 7.80 -12.20
C GLU A 66 12.52 8.47 -11.85
N ALA A 67 13.38 8.67 -12.85
CA ALA A 67 14.64 9.38 -12.63
C ALA A 67 14.41 10.68 -11.88
N LYS A 68 13.43 11.47 -12.32
CA LYS A 68 13.15 12.72 -11.62
C LYS A 68 12.76 12.45 -10.18
N TRP A 69 11.92 11.43 -9.94
CA TRP A 69 11.50 11.18 -8.57
C TRP A 69 12.69 10.76 -7.72
N SER A 70 13.53 9.90 -8.23
CA SER A 70 14.69 9.42 -7.49
C SER A 70 15.60 10.58 -7.13
N ALA A 71 16.02 11.33 -8.15
CA ALA A 71 16.76 12.56 -7.94
C ALA A 71 16.20 13.35 -6.76
N PHE A 72 14.94 13.75 -6.89
CA PHE A 72 14.31 14.58 -5.87
C PHE A 72 14.43 13.96 -4.49
N TYR A 73 14.15 12.67 -4.38
CA TYR A 73 14.09 12.07 -3.06
C TYR A 73 15.46 12.02 -2.41
N GLU A 74 16.48 11.67 -3.21
CA GLU A 74 17.85 11.67 -2.70
C GLU A 74 18.21 13.05 -2.14
N GLU A 75 18.02 14.10 -2.95
CA GLU A 75 18.38 15.43 -2.50
C GLU A 75 17.68 15.78 -1.20
N GLN A 76 16.35 15.70 -1.20
CA GLN A 76 15.60 16.03 -0.01
C GLN A 76 16.06 15.22 1.19
N SER A 77 16.52 14.00 0.97
CA SER A 77 17.00 13.22 2.09
C SER A 77 18.29 13.81 2.66
N LYS A 78 19.28 14.09 1.77
CA LYS A 78 20.47 14.81 2.23
C LYS A 78 20.10 15.97 3.11
N LEU A 79 19.21 16.84 2.62
CA LEU A 79 18.89 18.02 3.42
C LEU A 79 18.20 17.64 4.70
N ALA A 80 17.36 16.60 4.65
CA ALA A 80 16.58 16.23 5.82
C ALA A 80 17.47 15.80 6.96
N LYS A 81 18.63 15.23 6.65
CA LYS A 81 19.55 14.90 7.71
C LYS A 81 20.06 16.14 8.44
N ASP A 82 19.90 17.33 7.85
CA ASP A 82 20.43 18.54 8.47
C ASP A 82 19.63 18.95 9.69
N TYR A 83 18.49 18.29 9.92
CA TYR A 83 17.72 18.51 11.13
C TYR A 83 17.95 17.32 12.04
N PRO A 84 18.72 17.47 13.11
CA PRO A 84 19.15 16.31 13.89
C PRO A 84 18.01 15.74 14.70
N LEU A 85 17.78 14.43 14.55
CA LEU A 85 16.63 13.80 15.19
C LEU A 85 16.57 14.09 16.68
N GLN A 86 17.72 14.24 17.33
CA GLN A 86 17.72 14.43 18.77
C GLN A 86 16.83 15.59 19.19
N GLU A 87 16.82 16.67 18.40
CA GLU A 87 16.16 17.91 18.81
C GLU A 87 14.64 17.89 18.63
N ILE A 88 14.08 16.95 17.87
CA ILE A 88 12.62 16.89 17.69
C ILE A 88 11.98 16.24 18.90
N GLN A 89 10.96 16.88 19.44
CA GLN A 89 10.30 16.37 20.63
C GLN A 89 8.89 15.89 20.31
N ASN A 90 8.54 15.88 19.04
CA ASN A 90 7.24 15.46 18.56
C ASN A 90 7.40 14.16 17.81
N PHE A 91 6.96 13.06 18.41
CA PHE A 91 7.18 11.76 17.80
C PHE A 91 6.47 11.66 16.46
N THR A 92 5.33 12.33 16.30
CA THR A 92 4.61 12.30 15.04
C THR A 92 5.41 12.99 13.96
N LEU A 93 6.25 13.94 14.36
CA LEU A 93 7.16 14.59 13.42
C LEU A 93 8.43 13.77 13.26
N LYS A 94 9.02 13.36 14.39
CA LYS A 94 10.23 12.56 14.35
C LYS A 94 10.05 11.33 13.47
N ARG A 95 8.87 10.71 13.47
CA ARG A 95 8.65 9.54 12.61
C ARG A 95 8.85 9.90 11.15
N GLN A 96 8.31 11.04 10.73
CA GLN A 96 8.47 11.48 9.36
C GLN A 96 9.93 11.74 9.06
N LEU A 97 10.59 12.53 9.92
CA LEU A 97 12.00 12.82 9.73
C LEU A 97 12.81 11.53 9.60
N GLN A 98 12.84 10.73 10.67
CA GLN A 98 13.57 9.48 10.69
C GLN A 98 13.29 8.61 9.46
N ALA A 99 12.04 8.61 8.96
CA ALA A 99 11.78 7.84 7.75
C ALA A 99 12.38 8.50 6.51
N LEU A 100 12.54 9.82 6.53
CA LEU A 100 13.05 10.51 5.34
C LEU A 100 14.57 10.50 5.35
N GLN A 101 15.13 10.45 6.55
CA GLN A 101 16.53 10.75 6.74
C GLN A 101 17.39 9.63 6.25
N GLN A 102 17.01 8.39 6.54
CA GLN A 102 17.90 7.28 6.27
C GLN A 102 18.21 7.24 4.78
N SER A 103 19.48 7.41 4.47
CA SER A 103 19.92 7.44 3.09
C SER A 103 19.96 6.06 2.50
N GLY A 104 20.37 5.09 3.29
CA GLY A 104 20.53 3.74 2.77
C GLY A 104 21.67 3.71 1.78
N SER A 105 21.34 3.36 0.53
CA SER A 105 22.39 3.21 -0.48
C SER A 105 23.16 4.50 -0.72
N SER A 106 22.49 5.66 -0.59
CA SER A 106 23.18 6.92 -0.82
C SER A 106 24.22 7.23 0.26
N ALA A 107 24.18 6.55 1.41
CA ALA A 107 25.17 6.82 2.45
C ALA A 107 26.47 6.09 2.20
N LEU A 108 26.43 5.00 1.45
CA LEU A 108 27.65 4.41 0.94
C LEU A 108 28.36 5.41 0.03
N SER A 109 29.66 5.28 -0.10
CA SER A 109 30.41 6.12 -1.01
C SER A 109 30.04 5.74 -2.45
N ALA A 110 30.50 6.54 -3.43
CA ALA A 110 29.92 6.52 -4.77
C ALA A 110 30.27 5.25 -5.54
N ASN A 111 31.54 4.88 -5.51
CA ASN A 111 32.03 3.90 -6.47
C ASN A 111 31.51 2.50 -6.13
N LYS A 112 31.50 2.17 -4.84
CA LYS A 112 30.83 0.96 -4.38
C LYS A 112 29.34 0.96 -4.66
N ARG A 113 28.70 2.14 -4.72
CA ARG A 113 27.32 2.16 -5.22
C ARG A 113 27.23 1.63 -6.65
N GLU A 114 28.06 2.15 -7.57
CA GLU A 114 27.89 1.60 -8.92
C GLU A 114 28.31 0.14 -9.00
N GLN A 115 29.28 -0.27 -8.17
CA GLN A 115 29.70 -1.67 -8.12
C GLN A 115 28.54 -2.59 -7.69
N LEU A 116 27.96 -2.30 -6.52
CA LEU A 116 26.78 -3.02 -6.04
C LEU A 116 25.64 -3.01 -7.05
N ASN A 117 25.31 -1.85 -7.61
CA ASN A 117 24.21 -1.80 -8.57
C ASN A 117 24.46 -2.73 -9.74
N THR A 118 25.69 -2.76 -10.26
CA THR A 118 25.97 -3.72 -11.33
C THR A 118 25.79 -5.16 -10.84
N ILE A 119 26.18 -5.44 -9.60
CA ILE A 119 25.96 -6.79 -9.04
C ILE A 119 24.47 -7.13 -9.05
N LEU A 120 23.66 -6.27 -8.46
CA LEU A 120 22.24 -6.58 -8.24
C LEU A 120 21.51 -6.70 -9.57
N ASN A 121 21.76 -5.75 -10.49
CA ASN A 121 21.16 -5.84 -11.83
C ASN A 121 21.59 -7.11 -12.53
N THR A 122 22.84 -7.54 -12.33
CA THR A 122 23.32 -8.78 -12.95
C THR A 122 22.59 -10.00 -12.43
N MET A 123 22.44 -10.11 -11.10
CA MET A 123 21.66 -11.19 -10.50
C MET A 123 20.25 -11.24 -11.09
N SER A 124 19.51 -10.13 -10.97
CA SER A 124 18.16 -10.12 -11.50
C SER A 124 18.11 -10.60 -12.96
N THR A 125 19.07 -10.17 -13.79
CA THR A 125 19.06 -10.64 -15.17
C THR A 125 19.31 -12.15 -15.26
N ILE A 126 20.12 -12.69 -14.36
CA ILE A 126 20.39 -14.13 -14.39
C ILE A 126 19.13 -14.90 -14.08
N TYR A 127 18.51 -14.57 -12.95
CA TYR A 127 17.26 -15.19 -12.55
C TYR A 127 16.22 -15.12 -13.66
N SER A 128 16.06 -13.95 -14.29
CA SER A 128 15.07 -13.85 -15.35
C SER A 128 15.46 -14.68 -16.57
N THR A 129 16.72 -14.63 -16.97
CA THR A 129 17.14 -15.43 -18.12
C THR A 129 17.50 -16.85 -17.76
N GLY A 130 17.48 -17.19 -16.46
CA GLY A 130 17.81 -18.53 -16.03
C GLY A 130 16.95 -19.58 -16.69
N LYS A 131 17.60 -20.53 -17.35
CA LYS A 131 16.93 -21.66 -17.97
C LYS A 131 17.85 -22.87 -17.86
N VAL A 132 17.29 -24.04 -17.57
CA VAL A 132 18.09 -25.25 -17.35
C VAL A 132 17.58 -26.33 -18.30
N CYS A 133 18.49 -26.90 -19.08
CA CYS A 133 18.11 -27.87 -20.09
C CYS A 133 17.68 -29.19 -19.45
N ASN A 134 16.70 -29.81 -20.07
CA ASN A 134 16.30 -31.18 -19.80
C ASN A 134 17.36 -32.16 -20.31
N PRO A 135 17.85 -33.07 -19.45
CA PRO A 135 18.89 -34.02 -19.89
C PRO A 135 18.43 -35.00 -20.95
N LYS A 136 17.16 -35.41 -20.95
CA LYS A 136 16.76 -36.42 -21.93
C LYS A 136 16.62 -35.83 -23.32
N LYS A 137 16.23 -34.56 -23.43
CA LYS A 137 16.12 -33.87 -24.72
C LYS A 137 16.67 -32.47 -24.59
N PRO A 138 17.99 -32.31 -24.63
CA PRO A 138 18.59 -30.99 -24.38
C PRO A 138 18.10 -29.92 -25.35
N GLN A 139 17.76 -30.31 -26.58
CA GLN A 139 17.16 -29.36 -27.53
C GLN A 139 15.98 -28.65 -26.89
N GLU A 140 15.09 -29.41 -26.26
CA GLU A 140 13.94 -28.83 -25.58
C GLU A 140 14.33 -28.41 -24.16
N CYS A 141 15.32 -27.53 -24.09
CA CYS A 141 15.63 -26.88 -22.84
C CYS A 141 14.47 -25.97 -22.45
N LEU A 142 14.45 -25.54 -21.20
CA LEU A 142 13.27 -24.87 -20.68
C LEU A 142 13.62 -23.75 -19.72
N LEU A 143 12.66 -22.84 -19.58
CA LEU A 143 12.80 -21.58 -18.88
C LEU A 143 11.99 -21.66 -17.60
N LEU A 144 12.46 -20.99 -16.53
CA LEU A 144 11.80 -21.10 -15.24
C LEU A 144 10.36 -20.61 -15.32
N GLU A 145 10.19 -19.29 -15.31
CA GLU A 145 8.87 -18.73 -15.00
C GLU A 145 7.78 -19.26 -15.92
N PRO A 146 8.01 -19.49 -17.24
CA PRO A 146 6.93 -20.05 -18.06
C PRO A 146 6.64 -21.52 -17.82
N GLY A 147 7.65 -22.39 -17.90
CA GLY A 147 7.38 -23.82 -17.89
C GLY A 147 7.76 -24.58 -16.63
N LEU A 148 8.88 -24.21 -16.02
CA LEU A 148 9.38 -25.00 -14.90
C LEU A 148 8.46 -24.92 -13.69
N ASP A 149 7.80 -23.78 -13.47
CA ASP A 149 6.82 -23.71 -12.40
C ASP A 149 5.67 -24.68 -12.64
N GLU A 150 5.22 -24.80 -13.89
CA GLU A 150 4.15 -25.75 -14.19
C GLU A 150 4.60 -27.16 -13.90
N ILE A 151 5.81 -27.52 -14.34
CA ILE A 151 6.33 -28.86 -14.03
C ILE A 151 6.33 -29.09 -12.53
N MET A 152 7.00 -28.21 -11.78
CA MET A 152 7.03 -28.33 -10.33
C MET A 152 5.65 -28.33 -9.69
N ALA A 153 4.61 -27.85 -10.38
CA ALA A 153 3.28 -27.79 -9.78
C ALA A 153 2.40 -29.00 -10.14
N ASN A 154 2.56 -29.57 -11.33
CA ASN A 154 1.73 -30.69 -11.75
C ASN A 154 2.43 -32.02 -11.81
N SER A 155 3.71 -32.05 -12.17
CA SER A 155 4.41 -33.33 -12.32
C SER A 155 4.09 -34.22 -11.14
N THR A 156 4.14 -35.53 -11.38
CA THR A 156 4.07 -36.53 -10.32
C THR A 156 5.29 -37.43 -10.31
N ASP A 157 6.12 -37.40 -11.35
CA ASP A 157 7.28 -38.27 -11.54
C ASP A 157 8.48 -37.75 -10.77
N TYR A 158 9.04 -38.59 -9.90
CA TYR A 158 10.12 -38.15 -9.01
C TYR A 158 11.37 -37.72 -9.78
N SER A 159 11.77 -38.50 -10.78
CA SER A 159 13.07 -38.24 -11.40
C SER A 159 13.02 -36.99 -12.29
N GLU A 160 11.94 -36.84 -13.07
CA GLU A 160 11.72 -35.65 -13.89
C GLU A 160 11.74 -34.37 -13.05
N ARG A 161 10.81 -34.24 -12.11
CA ARG A 161 10.87 -33.21 -11.07
C ARG A 161 12.27 -32.94 -10.50
N LEU A 162 13.00 -34.02 -10.24
CA LEU A 162 14.32 -33.86 -9.67
C LEU A 162 15.24 -33.08 -10.62
N TRP A 163 15.27 -33.45 -11.91
CA TRP A 163 16.21 -32.75 -12.78
C TRP A 163 15.90 -31.26 -12.82
N VAL A 164 14.63 -30.90 -12.65
CA VAL A 164 14.26 -29.50 -12.59
C VAL A 164 14.84 -28.84 -11.33
N TRP A 165 14.58 -29.43 -10.16
CA TRP A 165 15.12 -28.87 -8.91
C TRP A 165 16.62 -28.66 -9.00
N GLU A 166 17.37 -29.73 -9.26
CA GLU A 166 18.82 -29.64 -9.20
C GLU A 166 19.37 -28.85 -10.38
N GLY A 167 18.72 -28.92 -11.54
CA GLY A 167 19.12 -28.14 -12.69
C GLY A 167 19.09 -26.66 -12.42
N TRP A 168 17.92 -26.16 -12.02
CA TRP A 168 17.82 -24.78 -11.56
C TRP A 168 18.95 -24.47 -10.57
N ARG A 169 19.05 -25.24 -9.49
CA ARG A 169 20.02 -24.89 -8.46
C ARG A 169 21.46 -24.93 -8.94
N SER A 170 21.75 -25.67 -10.00
CA SER A 170 23.13 -25.80 -10.47
C SER A 170 23.48 -24.68 -11.44
N GLU A 171 22.68 -24.49 -12.49
CA GLU A 171 22.98 -23.38 -13.40
C GLU A 171 22.89 -22.05 -12.68
N VAL A 172 21.85 -21.85 -11.89
CA VAL A 172 21.66 -20.56 -11.26
C VAL A 172 22.47 -20.46 -9.96
N GLY A 173 22.29 -21.41 -9.04
CA GLY A 173 22.91 -21.31 -7.73
C GLY A 173 24.40 -21.02 -7.76
N LYS A 174 25.13 -21.93 -8.40
CA LYS A 174 26.53 -21.74 -8.72
C LYS A 174 26.80 -20.32 -9.18
N GLN A 175 26.15 -19.95 -10.30
CA GLN A 175 26.39 -18.67 -10.96
C GLN A 175 26.30 -17.50 -9.99
N LEU A 176 25.34 -17.55 -9.08
CA LEU A 176 25.12 -16.43 -8.18
C LEU A 176 25.96 -16.50 -6.91
N ARG A 177 26.66 -17.61 -6.66
CA ARG A 177 27.47 -17.67 -5.45
C ARG A 177 28.39 -16.44 -5.32
N PRO A 178 29.27 -16.16 -6.29
CA PRO A 178 30.17 -15.00 -6.13
C PRO A 178 29.45 -13.69 -5.88
N LEU A 179 28.46 -13.39 -6.72
CA LEU A 179 27.64 -12.19 -6.60
C LEU A 179 27.19 -12.01 -5.16
N TYR A 180 26.31 -12.91 -4.71
CA TYR A 180 25.70 -12.75 -3.38
C TYR A 180 26.72 -12.38 -2.31
N GLU A 181 27.94 -12.91 -2.36
CA GLU A 181 28.84 -12.60 -1.23
C GLU A 181 29.32 -11.15 -1.32
N GLU A 182 29.93 -10.76 -2.43
CA GLU A 182 30.31 -9.33 -2.51
C GLU A 182 29.08 -8.55 -2.06
N TYR A 183 27.93 -8.85 -2.65
CA TYR A 183 26.70 -8.25 -2.17
C TYR A 183 26.61 -8.16 -0.66
N VAL A 184 26.86 -9.26 0.05
CA VAL A 184 26.77 -9.21 1.51
C VAL A 184 27.77 -8.21 2.05
N VAL A 185 28.93 -8.10 1.41
CA VAL A 185 29.95 -7.19 1.93
C VAL A 185 29.53 -5.76 1.73
N LEU A 186 29.06 -5.42 0.52
CA LEU A 186 28.65 -4.05 0.26
C LEU A 186 27.44 -3.66 1.09
N LYS A 187 26.51 -4.58 1.28
CA LYS A 187 25.34 -4.22 2.07
C LYS A 187 25.69 -4.13 3.54
N ASN A 188 26.43 -5.10 4.06
CA ASN A 188 26.83 -5.04 5.45
C ASN A 188 27.54 -3.72 5.73
N GLU A 189 28.49 -3.35 4.87
CA GLU A 189 29.17 -2.07 5.02
C GLU A 189 28.19 -0.92 4.97
N MET A 190 27.23 -0.96 4.04
CA MET A 190 26.28 0.14 3.89
C MET A 190 25.45 0.32 5.15
N ALA A 191 24.87 -0.77 5.63
CA ALA A 191 24.12 -0.68 6.87
C ALA A 191 25.01 -0.17 8.00
N ARG A 192 26.28 -0.57 8.01
CA ARG A 192 27.17 -0.07 9.04
C ARG A 192 27.33 1.43 8.91
N ALA A 193 27.44 1.92 7.67
CA ALA A 193 27.48 3.35 7.43
C ALA A 193 26.27 4.03 8.03
N ASN A 194 25.13 3.38 7.96
CA ASN A 194 23.91 3.99 8.43
C ASN A 194 23.72 3.89 9.94
N ASN A 195 24.73 3.43 10.69
CA ASN A 195 24.62 3.13 12.12
C ASN A 195 23.81 1.87 12.42
N TYR A 196 23.75 0.95 11.47
CA TYR A 196 23.17 -0.37 11.65
C TYR A 196 24.27 -1.41 11.64
N GLU A 197 24.29 -2.28 12.66
CA GLU A 197 25.46 -3.15 12.87
C GLU A 197 25.67 -4.16 11.75
N ASP A 198 24.65 -4.49 10.98
CA ASP A 198 24.82 -5.36 9.81
C ASP A 198 23.61 -5.14 8.93
N TYR A 199 23.54 -5.85 7.81
CA TYR A 199 22.43 -5.62 6.87
C TYR A 199 21.11 -6.09 7.45
N GLY A 200 21.09 -7.30 7.99
CA GLY A 200 19.86 -7.82 8.57
C GLY A 200 19.29 -6.91 9.64
N ASP A 201 20.16 -6.22 10.37
CA ASP A 201 19.65 -5.23 11.31
C ASP A 201 18.94 -4.11 10.59
N TYR A 202 19.51 -3.67 9.48
CA TYR A 202 18.88 -2.65 8.67
C TYR A 202 17.49 -3.08 8.24
N TRP A 203 17.29 -4.36 7.94
CA TRP A 203 15.95 -4.80 7.54
C TRP A 203 15.00 -4.92 8.72
N ARG A 204 15.54 -5.25 9.89
CA ARG A 204 14.72 -5.27 11.11
C ARG A 204 14.45 -3.88 11.61
N GLY A 205 15.02 -2.87 10.96
CA GLY A 205 14.67 -1.51 11.31
C GLY A 205 13.19 -1.25 11.16
N ASP A 206 12.60 -1.72 10.06
CA ASP A 206 11.18 -1.47 9.79
C ASP A 206 10.33 -1.62 11.03
N TYR A 207 10.55 -2.68 11.78
CA TYR A 207 9.67 -2.93 12.91
C TYR A 207 10.03 -2.08 14.11
N GLU A 208 11.14 -1.34 14.05
CA GLU A 208 11.48 -0.50 15.18
C GLU A 208 10.47 0.62 15.26
N ALA A 209 10.09 0.97 16.47
CA ALA A 209 9.02 1.93 16.65
C ALA A 209 9.20 2.53 18.03
N GLU A 210 9.57 3.80 18.10
CA GLU A 210 9.65 4.47 19.37
C GLU A 210 8.40 5.31 19.53
N GLY A 211 7.96 5.47 20.77
CA GLY A 211 6.72 6.15 21.03
C GLY A 211 6.50 6.30 22.52
N ALA A 212 5.26 6.65 22.88
CA ALA A 212 4.86 6.73 24.28
C ALA A 212 5.36 5.49 25.02
N ASP A 213 5.96 5.72 26.19
CA ASP A 213 6.60 4.65 26.95
C ASP A 213 5.77 3.37 26.91
N GLY A 214 6.47 2.23 26.87
CA GLY A 214 5.80 0.95 26.85
C GLY A 214 5.24 0.56 25.49
N TYR A 215 4.97 1.52 24.62
CA TYR A 215 4.48 1.25 23.28
C TYR A 215 5.58 1.14 22.26
N GLY A 216 6.81 1.40 22.67
CA GLY A 216 7.93 1.36 21.76
C GLY A 216 8.32 -0.06 21.42
N TYR A 217 9.15 -0.19 20.39
CA TYR A 217 9.63 -1.46 19.92
C TYR A 217 11.08 -1.36 19.48
N ASN A 218 11.92 -2.26 19.97
CA ASN A 218 13.34 -2.31 19.64
C ASN A 218 13.59 -3.37 18.57
N ARG A 219 14.37 -3.02 17.55
CA ARG A 219 14.59 -3.92 16.42
C ARG A 219 15.00 -5.32 16.86
N ASN A 220 15.60 -5.46 18.05
CA ASN A 220 16.01 -6.77 18.53
C ASN A 220 14.81 -7.64 18.88
N GLN A 221 13.82 -7.06 19.55
CA GLN A 221 12.67 -7.83 20.00
C GLN A 221 11.99 -8.57 18.86
N LEU A 222 12.33 -8.24 17.62
CA LEU A 222 11.70 -8.93 16.51
C LEU A 222 12.12 -10.39 16.50
N ILE A 223 13.43 -10.64 16.58
CA ILE A 223 13.91 -12.01 16.57
C ILE A 223 13.31 -12.78 17.73
N GLU A 224 13.22 -12.17 18.91
CA GLU A 224 12.66 -12.89 20.04
C GLU A 224 11.19 -13.21 19.81
N ASP A 225 10.47 -12.31 19.14
CA ASP A 225 9.03 -12.52 19.00
C ASP A 225 8.72 -13.48 17.85
N VAL A 226 9.45 -13.37 16.75
CA VAL A 226 9.39 -14.39 15.71
C VAL A 226 9.72 -15.77 16.30
N GLU A 227 10.77 -15.81 17.13
CA GLU A 227 11.21 -17.06 17.74
C GLU A 227 10.09 -17.65 18.59
N ARG A 228 9.62 -16.89 19.57
CA ARG A 228 8.69 -17.42 20.56
C ARG A 228 7.35 -17.74 19.95
N THR A 229 6.88 -16.95 18.99
CA THR A 229 5.65 -17.36 18.32
C THR A 229 5.85 -18.67 17.57
N PHE A 230 6.96 -18.81 16.84
CA PHE A 230 7.15 -20.07 16.15
C PHE A 230 7.21 -21.24 17.13
N ALA A 231 7.66 -21.01 18.37
CA ALA A 231 7.64 -22.09 19.36
C ALA A 231 6.22 -22.58 19.59
N GLU A 232 5.26 -21.67 19.54
CA GLU A 232 3.86 -22.03 19.74
C GLU A 232 3.30 -22.73 18.50
N ILE A 233 3.75 -22.30 17.32
CA ILE A 233 3.24 -22.85 16.07
C ILE A 233 3.77 -24.23 15.81
N LYS A 234 4.96 -24.57 16.30
CA LYS A 234 5.62 -25.80 15.87
C LYS A 234 4.73 -27.04 15.97
N PRO A 235 3.93 -27.24 17.04
CA PRO A 235 3.03 -28.40 17.09
C PRO A 235 2.16 -28.60 15.85
N LEU A 236 1.33 -27.61 15.57
CA LEU A 236 0.52 -27.68 14.37
C LEU A 236 1.34 -28.03 13.14
N TYR A 237 2.52 -27.43 13.00
CA TYR A 237 3.30 -27.70 11.80
C TYR A 237 3.69 -29.15 11.74
N GLU A 238 4.21 -29.68 12.86
CA GLU A 238 4.57 -31.09 12.95
C GLU A 238 3.45 -31.95 12.44
N HIS A 239 2.23 -31.73 12.95
CA HIS A 239 1.16 -32.66 12.61
C HIS A 239 0.75 -32.53 11.15
N LEU A 240 0.69 -31.30 10.62
CA LEU A 240 0.52 -31.12 9.18
C LEU A 240 1.62 -31.83 8.40
N HIS A 241 2.81 -31.84 8.97
CA HIS A 241 3.97 -32.39 8.30
C HIS A 241 3.87 -33.90 8.23
N ALA A 242 3.63 -34.55 9.36
CA ALA A 242 3.46 -35.98 9.40
C ALA A 242 2.34 -36.40 8.47
N TYR A 243 1.19 -35.74 8.60
CA TYR A 243 0.07 -36.09 7.73
C TYR A 243 0.49 -36.04 6.25
N VAL A 244 1.04 -34.91 5.81
CA VAL A 244 1.31 -34.76 4.39
C VAL A 244 2.39 -35.74 3.94
N ARG A 245 3.41 -35.97 4.77
CA ARG A 245 4.36 -37.04 4.49
C ARG A 245 3.67 -38.38 4.29
N ALA A 246 2.72 -38.70 5.17
CA ALA A 246 2.02 -39.96 5.09
C ALA A 246 1.31 -40.08 3.75
N LYS A 247 0.57 -39.05 3.35
CA LYS A 247 -0.16 -39.12 2.10
C LYS A 247 0.81 -39.17 0.91
N LEU A 248 1.97 -38.52 1.06
CA LEU A 248 2.96 -38.49 -0.02
C LEU A 248 3.61 -39.83 -0.20
N MET A 249 3.79 -40.54 0.89
CA MET A 249 4.41 -41.84 0.81
C MET A 249 3.71 -42.69 -0.23
N ASN A 250 2.37 -42.62 -0.27
CA ASN A 250 1.60 -43.42 -1.22
C ASN A 250 1.85 -43.00 -2.66
N THR A 251 2.28 -41.77 -2.89
CA THR A 251 2.56 -41.32 -4.24
C THR A 251 3.99 -41.68 -4.63
N TYR A 252 4.90 -41.56 -3.67
CA TYR A 252 6.32 -41.82 -3.85
C TYR A 252 6.72 -42.92 -2.89
N PRO A 253 6.29 -44.15 -3.14
CA PRO A 253 6.58 -45.20 -2.18
C PRO A 253 8.06 -45.35 -1.92
N SER A 254 8.84 -45.50 -2.98
CA SER A 254 10.23 -45.92 -2.87
C SER A 254 11.13 -44.87 -2.24
N TYR A 255 10.70 -43.61 -2.20
CA TYR A 255 11.60 -42.52 -1.91
C TYR A 255 11.44 -41.92 -0.52
N ILE A 256 10.35 -42.18 0.19
CA ILE A 256 10.00 -41.40 1.36
C ILE A 256 10.16 -42.24 2.63
N SER A 257 10.98 -41.72 3.56
CA SER A 257 11.16 -42.30 4.88
C SER A 257 9.97 -41.97 5.76
N PRO A 258 9.32 -42.95 6.36
CA PRO A 258 8.17 -42.66 7.23
C PRO A 258 8.54 -41.99 8.53
N THR A 259 9.81 -41.68 8.72
CA THR A 259 10.20 -40.80 9.81
C THR A 259 11.17 -39.71 9.39
N GLY A 260 11.54 -39.62 8.10
CA GLY A 260 12.46 -38.60 7.63
C GLY A 260 11.81 -37.35 7.06
N CYS A 261 12.60 -36.29 7.03
CA CYS A 261 12.19 -35.07 6.35
C CYS A 261 11.85 -35.35 4.90
N LEU A 262 11.09 -34.43 4.21
CA LEU A 262 10.65 -34.79 2.87
C LEU A 262 11.65 -34.33 1.82
N PRO A 263 11.76 -35.01 0.68
CA PRO A 263 12.61 -34.47 -0.40
C PRO A 263 12.12 -33.10 -0.81
N ALA A 264 13.06 -32.18 -1.01
CA ALA A 264 12.68 -30.79 -1.23
C ALA A 264 11.83 -30.62 -2.49
N HIS A 265 12.14 -31.35 -3.57
CA HIS A 265 11.52 -31.05 -4.87
C HIS A 265 10.07 -31.49 -4.95
N LEU A 266 9.63 -32.33 -4.04
CA LEU A 266 8.29 -32.92 -4.08
C LEU A 266 7.23 -32.09 -3.37
N LEU A 267 7.41 -30.77 -3.23
CA LEU A 267 6.52 -29.95 -2.42
C LEU A 267 5.62 -29.02 -3.26
N GLY A 268 5.47 -29.28 -4.56
CA GLY A 268 4.58 -28.53 -5.41
C GLY A 268 5.18 -27.28 -6.03
N ASP A 269 6.21 -26.70 -5.42
CA ASP A 269 6.89 -25.54 -5.98
C ASP A 269 8.41 -25.67 -5.81
N MET A 270 9.09 -24.98 -6.71
CA MET A 270 10.54 -25.09 -6.89
C MET A 270 11.34 -24.90 -5.61
N TRP A 271 10.77 -24.24 -4.62
CA TRP A 271 11.48 -24.06 -3.36
C TRP A 271 10.83 -24.82 -2.23
N GLY A 272 9.59 -25.25 -2.39
CA GLY A 272 8.84 -25.79 -1.28
C GLY A 272 8.29 -24.71 -0.38
N ARG A 273 8.00 -23.54 -0.95
CA ARG A 273 7.51 -22.39 -0.22
C ARG A 273 6.04 -22.52 0.14
N PHE A 274 5.24 -23.10 -0.74
CA PHE A 274 3.82 -23.35 -0.54
C PHE A 274 3.51 -24.80 -0.83
N TRP A 275 2.83 -25.47 0.09
CA TRP A 275 2.39 -26.84 -0.18
C TRP A 275 1.04 -26.89 -0.86
N THR A 276 0.60 -25.80 -1.49
CA THR A 276 -0.75 -25.78 -2.00
C THR A 276 -0.95 -26.82 -3.08
N ASN A 277 0.03 -26.96 -3.97
CA ASN A 277 -0.07 -27.89 -5.09
C ASN A 277 -0.09 -29.35 -4.67
N LEU A 278 0.15 -29.64 -3.40
CA LEU A 278 0.02 -31.00 -2.90
C LEU A 278 -1.42 -31.35 -2.58
N TYR A 279 -2.34 -30.40 -2.67
CA TYR A 279 -3.70 -30.69 -2.23
C TYR A 279 -4.28 -31.87 -2.98
N SER A 280 -4.12 -31.90 -4.31
CA SER A 280 -4.61 -33.04 -5.09
C SER A 280 -4.20 -34.35 -4.45
N LEU A 281 -2.95 -34.43 -3.97
CA LEU A 281 -2.40 -35.67 -3.41
C LEU A 281 -2.74 -35.88 -1.94
N THR A 282 -3.18 -34.85 -1.25
CA THR A 282 -3.38 -34.93 0.19
C THR A 282 -4.79 -34.55 0.63
N VAL A 283 -5.71 -34.41 -0.31
CA VAL A 283 -7.13 -34.21 0.02
C VAL A 283 -7.57 -35.25 1.03
N PRO A 284 -8.15 -34.85 2.16
CA PRO A 284 -8.57 -35.86 3.14
C PRO A 284 -9.77 -36.69 2.72
N PHE A 285 -10.80 -36.07 2.14
CA PHE A 285 -12.02 -36.75 1.74
C PHE A 285 -12.31 -36.42 0.28
N PRO A 286 -11.67 -37.11 -0.66
CA PRO A 286 -11.73 -36.66 -2.06
C PRO A 286 -13.12 -36.73 -2.67
N GLU A 287 -14.02 -37.56 -2.14
CA GLU A 287 -15.35 -37.68 -2.73
C GLU A 287 -16.12 -36.37 -2.61
N LYS A 288 -15.86 -35.59 -1.58
CA LYS A 288 -16.59 -34.36 -1.37
C LYS A 288 -15.81 -33.17 -1.91
N PRO A 289 -16.18 -32.67 -3.08
CA PRO A 289 -15.37 -31.64 -3.74
C PRO A 289 -15.57 -30.27 -3.08
N ASN A 290 -14.61 -29.41 -3.37
CA ASN A 290 -14.50 -28.13 -2.68
C ASN A 290 -15.43 -27.11 -3.33
N ILE A 291 -15.82 -26.11 -2.54
CA ILE A 291 -16.91 -25.18 -2.86
C ILE A 291 -16.43 -24.20 -3.92
N ASP A 292 -16.71 -24.47 -5.19
CA ASP A 292 -16.34 -23.57 -6.28
C ASP A 292 -17.61 -22.97 -6.86
N VAL A 293 -17.80 -21.66 -6.66
CA VAL A 293 -19.00 -20.96 -7.11
C VAL A 293 -18.77 -20.31 -8.46
N THR A 294 -17.61 -20.54 -9.09
CA THR A 294 -17.40 -20.07 -10.46
C THR A 294 -18.62 -20.33 -11.33
N ASP A 295 -18.95 -21.60 -11.54
CA ASP A 295 -20.12 -21.95 -12.35
C ASP A 295 -21.34 -21.14 -11.94
N ALA A 296 -21.61 -21.04 -10.63
CA ALA A 296 -22.78 -20.28 -10.19
C ALA A 296 -22.73 -18.87 -10.75
N MET A 297 -21.63 -18.15 -10.49
CA MET A 297 -21.35 -16.83 -11.07
C MET A 297 -21.61 -16.84 -12.57
N ILE A 298 -20.99 -17.79 -13.27
CA ILE A 298 -21.11 -17.84 -14.73
C ILE A 298 -22.57 -17.99 -15.15
N ASN A 299 -23.33 -18.78 -14.42
CA ASN A 299 -24.71 -18.99 -14.82
C ASN A 299 -25.51 -17.71 -14.65
N GLN A 300 -25.23 -16.92 -13.63
CA GLN A 300 -25.98 -15.70 -13.45
C GLN A 300 -25.46 -14.58 -14.29
N ASN A 301 -24.66 -14.91 -15.31
CA ASN A 301 -24.04 -13.97 -16.23
C ASN A 301 -23.44 -12.77 -15.51
N TRP A 302 -22.64 -13.04 -14.48
CA TRP A 302 -21.98 -11.98 -13.73
C TRP A 302 -20.87 -11.35 -14.56
N ASN A 303 -20.58 -10.09 -14.25
CA ASN A 303 -19.59 -9.29 -14.94
C ASN A 303 -18.52 -8.90 -13.95
N ALA A 304 -17.31 -8.70 -14.45
CA ALA A 304 -16.21 -8.22 -13.61
C ALA A 304 -16.66 -7.04 -12.75
N VAL A 305 -17.23 -6.02 -13.39
CA VAL A 305 -17.87 -4.93 -12.67
C VAL A 305 -18.71 -5.48 -11.52
N ARG A 306 -19.63 -6.40 -11.82
CA ARG A 306 -20.53 -6.93 -10.80
C ARG A 306 -19.76 -7.41 -9.59
N ILE A 307 -18.65 -8.11 -9.84
CA ILE A 307 -17.79 -8.55 -8.76
C ILE A 307 -17.38 -7.38 -7.92
N PHE A 308 -16.86 -6.34 -8.56
CA PHE A 308 -16.33 -5.22 -7.79
C PHE A 308 -17.41 -4.49 -7.04
N LYS A 309 -18.63 -4.46 -7.59
CA LYS A 309 -19.75 -3.84 -6.89
C LYS A 309 -20.17 -4.67 -5.69
N GLU A 310 -20.06 -6.01 -5.80
CA GLU A 310 -20.42 -6.86 -4.68
C GLU A 310 -19.44 -6.68 -3.55
N ALA A 311 -18.17 -6.51 -3.89
CA ALA A 311 -17.17 -6.18 -2.89
C ALA A 311 -17.48 -4.85 -2.24
N GLU A 312 -17.64 -3.81 -3.05
CA GLU A 312 -17.96 -2.50 -2.51
C GLU A 312 -19.12 -2.56 -1.54
N LYS A 313 -20.17 -3.34 -1.88
CA LYS A 313 -21.32 -3.40 -1.00
C LYS A 313 -20.94 -4.07 0.31
N PHE A 314 -20.08 -5.07 0.23
CA PHE A 314 -19.50 -5.62 1.45
C PHE A 314 -18.93 -4.50 2.34
N PHE A 315 -17.94 -3.77 1.82
CA PHE A 315 -17.29 -2.77 2.67
C PHE A 315 -18.28 -1.76 3.20
N VAL A 316 -19.27 -1.41 2.39
CA VAL A 316 -20.25 -0.44 2.87
C VAL A 316 -21.05 -1.03 4.02
N SER A 317 -21.45 -2.29 3.89
CA SER A 317 -22.12 -3.00 4.96
C SER A 317 -21.35 -2.99 6.27
N VAL A 318 -20.00 -2.98 6.23
CA VAL A 318 -19.28 -2.93 7.51
C VAL A 318 -19.05 -1.52 8.04
N GLY A 319 -19.39 -0.47 7.28
CA GLY A 319 -19.26 0.89 7.77
C GLY A 319 -18.31 1.76 6.98
N LEU A 320 -17.68 1.26 5.93
CA LEU A 320 -16.61 1.94 5.23
C LEU A 320 -17.15 2.64 4.00
N PRO A 321 -16.57 3.76 3.60
CA PRO A 321 -17.10 4.52 2.47
C PRO A 321 -17.26 3.71 1.20
N ASN A 322 -18.32 3.99 0.46
CA ASN A 322 -18.40 3.49 -0.92
C ASN A 322 -17.24 4.08 -1.71
N MET A 323 -16.88 3.38 -2.77
CA MET A 323 -15.74 3.76 -3.59
C MET A 323 -15.89 5.17 -4.17
N THR A 324 -14.76 5.81 -4.47
CA THR A 324 -14.80 7.13 -5.10
C THR A 324 -15.14 6.99 -6.58
N GLN A 325 -15.89 7.97 -7.10
CA GLN A 325 -16.22 7.98 -8.52
C GLN A 325 -14.99 8.01 -9.40
N GLY A 326 -13.82 8.33 -8.84
CA GLY A 326 -12.58 8.16 -9.57
C GLY A 326 -12.17 6.71 -9.59
N PHE A 327 -12.43 6.03 -8.48
CA PHE A 327 -12.20 4.61 -8.59
C PHE A 327 -13.26 3.97 -9.44
N TRP A 328 -14.46 4.57 -9.58
CA TRP A 328 -15.52 4.04 -10.44
C TRP A 328 -15.51 4.66 -11.83
N GLU A 329 -14.48 5.51 -12.15
CA GLU A 329 -14.30 6.25 -13.42
C GLU A 329 -12.94 6.06 -14.15
N ASN A 330 -11.88 5.48 -13.54
CA ASN A 330 -10.53 5.48 -14.13
C ASN A 330 -9.87 4.09 -14.33
N SER A 331 -9.94 3.17 -13.35
CA SER A 331 -9.28 1.86 -13.27
C SER A 331 -9.41 0.99 -14.49
N MET A 332 -8.48 0.06 -14.59
CA MET A 332 -8.60 -1.08 -15.46
C MET A 332 -9.06 -2.26 -14.63
N LEU A 333 -10.21 -2.85 -14.97
CA LEU A 333 -10.78 -3.98 -14.27
C LEU A 333 -11.02 -5.16 -15.17
N THR A 334 -10.73 -5.05 -16.45
CA THR A 334 -10.72 -6.22 -17.31
C THR A 334 -9.57 -6.03 -18.27
N GLU A 335 -9.11 -7.12 -18.83
CA GLU A 335 -8.13 -6.98 -19.89
C GLU A 335 -8.69 -6.08 -20.97
N PRO A 336 -7.89 -5.17 -21.53
CA PRO A 336 -8.45 -4.16 -22.45
C PRO A 336 -9.08 -4.76 -23.70
N THR A 337 -8.43 -5.75 -24.32
CA THR A 337 -8.96 -6.41 -25.51
C THR A 337 -9.24 -5.43 -26.64
N ASP A 338 -8.33 -4.47 -26.82
CA ASP A 338 -8.30 -3.64 -28.02
C ASP A 338 -6.90 -3.62 -28.64
N GLY A 339 -6.02 -4.52 -28.21
CA GLY A 339 -4.73 -4.70 -28.83
C GLY A 339 -3.54 -4.17 -28.05
N ARG A 340 -3.77 -3.46 -26.95
CA ARG A 340 -2.68 -2.87 -26.17
C ARG A 340 -2.25 -3.80 -25.06
N LYS A 341 -0.96 -4.16 -25.05
CA LYS A 341 -0.46 -5.08 -24.05
C LYS A 341 -0.53 -4.48 -22.65
N VAL A 342 -0.66 -5.35 -21.67
CA VAL A 342 -0.75 -4.99 -20.27
C VAL A 342 -0.20 -6.15 -19.47
N VAL A 343 -0.07 -5.96 -18.17
CA VAL A 343 0.40 -6.99 -17.25
C VAL A 343 -0.77 -7.44 -16.38
N CYS A 344 -0.98 -8.75 -16.32
CA CYS A 344 -2.21 -9.30 -15.75
C CYS A 344 -2.27 -9.11 -14.25
N HIS A 345 -1.13 -8.97 -13.60
CA HIS A 345 -1.08 -9.12 -12.16
C HIS A 345 -1.98 -8.06 -11.51
N PRO A 346 -2.75 -8.43 -10.49
CA PRO A 346 -3.64 -7.47 -9.83
C PRO A 346 -2.92 -6.62 -8.80
N THR A 347 -3.21 -5.32 -8.81
CA THR A 347 -2.60 -4.36 -7.88
C THR A 347 -3.60 -3.26 -7.53
N ALA A 348 -3.41 -2.68 -6.36
CA ALA A 348 -4.23 -1.58 -5.87
C ALA A 348 -3.36 -0.34 -5.74
N TRP A 349 -3.68 0.68 -6.52
CA TRP A 349 -2.87 1.87 -6.54
C TRP A 349 -3.44 3.01 -5.80
N ASP A 350 -2.55 3.87 -5.36
CA ASP A 350 -2.86 5.11 -4.68
C ASP A 350 -1.95 6.06 -5.38
N LEU A 351 -2.50 6.99 -6.14
CA LEU A 351 -1.70 7.96 -6.88
C LEU A 351 -1.60 9.29 -6.18
N GLN A 352 -1.52 9.22 -4.88
CA GLN A 352 -1.32 10.35 -4.01
C GLN A 352 -2.16 11.60 -4.14
N LYS A 353 -3.37 11.54 -4.67
CA LYS A 353 -4.11 12.78 -4.77
C LYS A 353 -5.56 12.54 -4.79
N GLY A 354 -6.00 11.47 -4.18
CA GLY A 354 -7.40 11.14 -4.18
C GLY A 354 -7.75 10.24 -5.33
N ASP A 355 -6.75 9.82 -6.08
CA ASP A 355 -6.96 9.00 -7.23
C ASP A 355 -6.62 7.57 -6.89
N PHE A 356 -7.59 6.82 -6.40
CA PHE A 356 -7.34 5.44 -6.12
C PHE A 356 -7.77 4.65 -7.31
N ARG A 357 -7.12 3.55 -7.55
CA ARG A 357 -7.50 2.73 -8.67
C ARG A 357 -6.98 1.33 -8.46
N ILE A 358 -7.56 0.35 -9.15
CA ILE A 358 -7.18 -1.05 -9.11
C ILE A 358 -6.93 -1.45 -10.55
N LYS A 359 -5.85 -2.15 -10.81
CA LYS A 359 -5.71 -2.81 -12.10
C LYS A 359 -5.79 -4.30 -11.86
N MET A 360 -6.60 -4.98 -12.66
CA MET A 360 -6.77 -6.41 -12.50
C MET A 360 -7.35 -6.96 -13.78
N CYS A 361 -6.60 -7.82 -14.45
CA CYS A 361 -7.20 -8.57 -15.52
C CYS A 361 -8.22 -9.54 -14.92
N THR A 362 -9.45 -9.08 -14.61
CA THR A 362 -10.41 -9.94 -13.93
C THR A 362 -10.95 -10.99 -14.89
N LYS A 363 -11.35 -12.12 -14.30
CA LYS A 363 -12.00 -13.22 -15.00
C LYS A 363 -13.14 -13.71 -14.11
N VAL A 364 -14.12 -14.37 -14.70
CA VAL A 364 -15.27 -14.80 -13.90
C VAL A 364 -14.96 -16.15 -13.23
N THR A 365 -14.21 -16.10 -12.12
CA THR A 365 -13.92 -17.26 -11.30
C THR A 365 -14.05 -16.84 -9.84
N MET A 366 -14.28 -17.83 -8.96
CA MET A 366 -14.31 -17.53 -7.53
C MET A 366 -13.01 -16.88 -7.07
N ASP A 367 -11.88 -17.32 -7.63
CA ASP A 367 -10.61 -16.73 -7.27
C ASP A 367 -10.66 -15.24 -7.41
N ASN A 368 -10.95 -14.77 -8.62
CA ASN A 368 -10.99 -13.35 -8.86
C ASN A 368 -11.99 -12.66 -7.94
N PHE A 369 -13.15 -13.29 -7.71
CA PHE A 369 -14.12 -12.72 -6.78
C PHE A 369 -13.47 -12.49 -5.42
N LEU A 370 -12.57 -13.38 -5.00
CA LEU A 370 -12.02 -13.27 -3.66
C LEU A 370 -10.81 -12.35 -3.64
N THR A 371 -10.08 -12.32 -4.75
CA THR A 371 -8.96 -11.40 -4.89
C THR A 371 -9.44 -9.95 -4.85
N ALA A 372 -10.39 -9.62 -5.74
CA ALA A 372 -10.93 -8.29 -5.90
C ALA A 372 -11.46 -7.73 -4.60
N HIS A 373 -12.03 -8.58 -3.78
CA HIS A 373 -12.24 -8.15 -2.42
C HIS A 373 -10.98 -7.73 -1.74
N HIS A 374 -9.80 -7.97 -2.28
CA HIS A 374 -8.85 -7.52 -1.32
C HIS A 374 -7.86 -6.57 -1.93
N GLU A 375 -7.70 -6.57 -3.25
CA GLU A 375 -7.24 -5.35 -3.87
C GLU A 375 -8.09 -4.20 -3.41
N MET A 376 -9.40 -4.43 -3.25
CA MET A 376 -10.21 -3.39 -2.64
C MET A 376 -9.93 -3.23 -1.15
N GLY A 377 -9.51 -4.26 -0.43
CA GLY A 377 -9.09 -3.99 0.95
C GLY A 377 -7.88 -3.09 1.05
N HIS A 378 -6.99 -3.15 0.06
CA HIS A 378 -5.91 -2.19 -0.07
C HIS A 378 -6.47 -0.79 -0.30
N ILE A 379 -7.13 -0.59 -1.46
CA ILE A 379 -7.79 0.68 -1.81
C ILE A 379 -8.44 1.29 -0.58
N GLN A 380 -9.10 0.47 0.22
CA GLN A 380 -9.77 1.03 1.37
C GLN A 380 -8.79 1.39 2.48
N TYR A 381 -7.66 0.70 2.58
CA TYR A 381 -6.60 1.17 3.48
C TYR A 381 -6.10 2.52 3.00
N ASP A 382 -5.77 2.60 1.71
CA ASP A 382 -5.27 3.82 1.09
C ASP A 382 -6.18 5.00 1.44
N MET A 383 -7.47 4.84 1.15
CA MET A 383 -8.46 5.87 1.47
C MET A 383 -8.53 6.13 2.97
N ALA A 384 -8.35 5.12 3.81
CA ALA A 384 -8.48 5.41 5.22
C ALA A 384 -7.40 6.37 5.69
N TYR A 385 -6.15 6.13 5.33
CA TYR A 385 -5.09 6.93 5.93
C TYR A 385 -4.68 8.17 5.13
N ALA A 386 -5.45 8.58 4.11
CA ALA A 386 -5.04 9.71 3.27
C ALA A 386 -5.22 11.07 3.94
N MET A 387 -5.86 11.13 5.10
CA MET A 387 -5.88 12.38 5.86
C MET A 387 -4.49 12.74 6.36
N GLN A 388 -3.60 11.75 6.47
CA GLN A 388 -2.29 11.89 7.07
C GLN A 388 -1.31 12.54 6.09
N PRO A 389 -0.29 13.24 6.62
CA PRO A 389 0.72 13.85 5.76
C PRO A 389 1.44 12.80 4.94
N TYR A 390 1.98 13.23 3.80
CA TYR A 390 2.49 12.28 2.81
C TYR A 390 3.47 11.24 3.37
N LEU A 391 4.25 11.59 4.38
CA LEU A 391 5.19 10.61 4.90
C LEU A 391 4.50 9.51 5.67
N LEU A 392 3.41 9.81 6.35
CA LEU A 392 2.71 8.85 7.20
C LEU A 392 1.64 8.07 6.45
N ARG A 393 1.59 8.17 5.13
CA ARG A 393 0.54 7.52 4.37
C ARG A 393 1.01 6.14 3.96
N ASN A 394 0.99 5.23 4.92
CA ASN A 394 1.27 3.81 4.67
C ASN A 394 0.88 2.99 5.89
N GLY A 395 0.76 1.69 5.67
CA GLY A 395 0.40 0.79 6.74
C GLY A 395 1.43 0.75 7.84
N ALA A 396 0.97 0.49 9.06
CA ALA A 396 1.78 0.71 10.25
C ALA A 396 3.10 -0.05 10.22
N ASN A 397 3.21 -1.15 9.46
CA ASN A 397 4.49 -1.70 9.03
C ASN A 397 4.23 -2.67 7.87
N GLU A 398 5.26 -3.42 7.48
CA GLU A 398 5.19 -4.14 6.21
C GLU A 398 4.13 -5.23 6.21
N GLY A 399 3.67 -5.64 7.38
CA GLY A 399 2.68 -6.70 7.43
C GLY A 399 1.28 -6.19 7.13
N PHE A 400 0.90 -5.07 7.73
CA PHE A 400 -0.48 -4.64 7.83
C PHE A 400 -1.15 -4.47 6.47
N HIS A 401 -0.43 -4.06 5.45
CA HIS A 401 -1.17 -3.80 4.19
C HIS A 401 -1.84 -5.09 3.68
N GLU A 402 -1.06 -6.12 3.34
CA GLU A 402 -1.66 -7.34 2.75
C GLU A 402 -2.43 -8.10 3.83
N ALA A 403 -1.90 -8.12 5.05
CA ALA A 403 -2.67 -8.75 6.14
C ALA A 403 -4.07 -8.19 6.09
N VAL A 404 -4.19 -6.86 5.99
CA VAL A 404 -5.52 -6.31 6.06
C VAL A 404 -6.31 -6.62 4.83
N GLY A 405 -5.67 -6.84 3.70
CA GLY A 405 -6.44 -7.13 2.51
C GLY A 405 -6.56 -8.59 2.18
N GLU A 406 -6.40 -9.40 3.20
CA GLU A 406 -6.51 -10.82 3.12
C GLU A 406 -7.70 -11.16 3.94
N ILE A 407 -7.89 -10.51 5.07
CA ILE A 407 -9.05 -10.81 5.87
C ILE A 407 -10.31 -10.52 5.09
N MET A 408 -10.28 -9.58 4.18
CA MET A 408 -11.48 -9.43 3.34
C MET A 408 -11.80 -10.72 2.60
N SER A 409 -10.85 -11.24 1.85
CA SER A 409 -11.06 -12.54 1.22
C SER A 409 -11.30 -13.65 2.23
N LEU A 410 -10.91 -13.49 3.50
CA LEU A 410 -11.35 -14.49 4.48
C LEU A 410 -12.84 -14.38 4.78
N SER A 411 -13.37 -13.17 5.00
CA SER A 411 -14.80 -13.08 5.25
C SER A 411 -15.61 -13.51 4.03
N ALA A 412 -15.26 -12.99 2.85
CA ALA A 412 -16.00 -13.34 1.65
C ALA A 412 -16.01 -14.84 1.36
N SER A 413 -15.05 -15.61 1.88
CA SER A 413 -15.01 -17.01 1.46
C SER A 413 -16.09 -17.82 2.13
N THR A 414 -16.41 -17.50 3.40
CA THR A 414 -17.32 -18.30 4.21
C THR A 414 -18.58 -18.62 3.43
N PRO A 415 -19.16 -19.81 3.60
CA PRO A 415 -20.35 -20.12 2.84
C PRO A 415 -21.53 -19.32 3.33
N LYS A 416 -21.53 -18.93 4.60
CA LYS A 416 -22.57 -18.03 5.11
C LYS A 416 -22.70 -16.80 4.23
N HIS A 417 -21.55 -16.20 3.90
CA HIS A 417 -21.53 -15.04 3.02
C HIS A 417 -21.96 -15.43 1.61
N LEU A 418 -21.46 -16.54 1.12
CA LEU A 418 -21.73 -16.91 -0.26
C LEU A 418 -23.21 -17.13 -0.45
N LYS A 419 -23.91 -17.57 0.60
CA LYS A 419 -25.34 -17.75 0.57
C LYS A 419 -26.05 -16.42 0.63
N SER A 420 -25.73 -15.62 1.65
CA SER A 420 -26.07 -14.20 1.74
C SER A 420 -26.26 -13.48 0.41
N ILE A 421 -25.33 -13.63 -0.53
CA ILE A 421 -25.38 -12.86 -1.77
C ILE A 421 -25.84 -13.68 -2.96
N GLY A 422 -26.17 -14.95 -2.76
CA GLY A 422 -26.85 -15.68 -3.79
C GLY A 422 -25.98 -16.39 -4.80
N LEU A 423 -24.74 -16.69 -4.45
CA LEU A 423 -23.94 -17.63 -5.22
C LEU A 423 -24.09 -19.06 -4.71
N LEU A 424 -24.69 -19.22 -3.55
CA LEU A 424 -24.88 -20.51 -2.97
C LEU A 424 -26.35 -20.72 -2.68
N PRO A 425 -26.95 -21.80 -3.18
CA PRO A 425 -28.36 -22.08 -2.91
C PRO A 425 -28.68 -21.99 -1.42
N SER A 426 -29.91 -21.55 -1.13
CA SER A 426 -30.28 -21.25 0.25
C SER A 426 -30.13 -22.46 1.16
N ASP A 427 -30.65 -23.61 0.73
CA ASP A 427 -30.42 -24.87 1.42
C ASP A 427 -29.02 -25.38 1.09
N PHE A 428 -28.07 -25.14 1.98
CA PHE A 428 -26.71 -25.62 1.76
C PHE A 428 -26.23 -26.53 2.87
N ARG A 429 -25.53 -27.59 2.47
CA ARG A 429 -24.97 -28.61 3.36
C ARG A 429 -23.50 -28.29 3.61
N GLU A 430 -23.20 -27.79 4.80
CA GLU A 430 -21.82 -27.50 5.23
C GLU A 430 -21.42 -28.49 6.32
N ASP A 431 -20.56 -29.46 5.98
CA ASP A 431 -20.31 -30.59 6.84
C ASP A 431 -18.82 -30.81 7.08
N ASN A 432 -18.55 -31.58 8.13
CA ASN A 432 -17.18 -31.84 8.58
C ASN A 432 -16.25 -32.23 7.44
N GLU A 433 -16.76 -32.98 6.46
CA GLU A 433 -15.87 -33.53 5.45
C GLU A 433 -15.40 -32.42 4.50
N THR A 434 -16.32 -31.62 3.99
CA THR A 434 -15.89 -30.49 3.16
C THR A 434 -15.16 -29.46 3.99
N GLU A 435 -15.60 -29.22 5.23
CA GLU A 435 -14.91 -28.23 6.08
C GLU A 435 -13.45 -28.57 6.24
N ILE A 436 -13.17 -29.84 6.58
CA ILE A 436 -11.79 -30.30 6.71
C ILE A 436 -11.04 -30.18 5.40
N ASN A 437 -11.63 -30.69 4.30
CA ASN A 437 -11.02 -30.44 2.99
C ASN A 437 -10.55 -28.99 2.85
N PHE A 438 -11.45 -28.04 3.10
CA PHE A 438 -11.10 -26.63 2.96
C PHE A 438 -9.98 -26.24 3.91
N LEU A 439 -10.26 -26.25 5.22
CA LEU A 439 -9.28 -25.97 6.27
C LEU A 439 -7.90 -26.50 5.94
N LEU A 440 -7.87 -27.69 5.34
CA LEU A 440 -6.60 -28.33 5.02
C LEU A 440 -5.94 -27.65 3.84
N LYS A 441 -6.68 -27.35 2.77
CA LYS A 441 -6.08 -26.58 1.71
C LYS A 441 -5.51 -25.27 2.26
N GLN A 442 -6.29 -24.60 3.09
CA GLN A 442 -5.78 -23.44 3.81
C GLN A 442 -4.46 -23.75 4.44
N ALA A 443 -4.36 -24.88 5.13
CA ALA A 443 -3.16 -25.15 5.90
C ALA A 443 -1.95 -25.43 5.00
N LEU A 444 -2.16 -26.08 3.85
CA LEU A 444 -1.08 -26.22 2.90
C LEU A 444 -0.51 -24.88 2.52
N THR A 445 -1.38 -23.89 2.28
CA THR A 445 -0.89 -22.61 1.77
C THR A 445 -0.38 -21.72 2.89
N ILE A 446 -1.16 -21.57 3.96
CA ILE A 446 -0.83 -20.69 5.05
C ILE A 446 0.24 -21.29 5.96
N VAL A 447 0.05 -22.55 6.36
CA VAL A 447 0.92 -23.09 7.41
C VAL A 447 2.24 -23.54 6.81
N GLY A 448 2.20 -24.05 5.58
CA GLY A 448 3.40 -24.44 4.88
C GLY A 448 4.52 -23.44 5.00
N THR A 449 4.20 -22.20 4.66
CA THR A 449 5.17 -21.13 4.48
C THR A 449 5.59 -20.46 5.77
N LEU A 450 4.94 -20.73 6.89
CA LEU A 450 5.49 -20.17 8.13
C LEU A 450 6.91 -20.64 8.41
N PRO A 451 7.22 -21.94 8.51
CA PRO A 451 8.60 -22.31 8.81
C PRO A 451 9.57 -22.09 7.67
N PHE A 452 9.23 -22.44 6.44
CA PHE A 452 10.00 -22.02 5.27
C PHE A 452 10.46 -20.60 5.39
N THR A 453 9.51 -19.68 5.58
CA THR A 453 9.85 -18.25 5.62
C THR A 453 10.74 -17.93 6.80
N TYR A 454 10.30 -18.28 7.99
CA TYR A 454 11.06 -17.95 9.18
C TYR A 454 12.47 -18.48 9.08
N MET A 455 12.63 -19.70 8.63
CA MET A 455 13.96 -20.28 8.52
C MET A 455 14.80 -19.54 7.48
N LEU A 456 14.20 -19.21 6.32
CA LEU A 456 14.97 -18.45 5.32
C LEU A 456 15.48 -17.16 5.92
N GLU A 457 14.58 -16.35 6.47
CA GLU A 457 15.04 -15.08 6.99
C GLU A 457 15.98 -15.26 8.18
N LYS A 458 16.02 -16.45 8.81
CA LYS A 458 17.03 -16.62 9.86
C LYS A 458 18.39 -16.97 9.29
N TRP A 459 18.43 -17.74 8.20
CA TRP A 459 19.72 -17.93 7.52
C TRP A 459 20.27 -16.60 7.02
N ARG A 460 19.41 -15.75 6.44
CA ARG A 460 19.87 -14.44 5.99
C ARG A 460 20.34 -13.58 7.17
N TRP A 461 19.52 -13.45 8.21
CA TRP A 461 19.96 -12.71 9.39
C TRP A 461 21.33 -13.17 9.88
N MET A 462 21.56 -14.49 9.91
CA MET A 462 22.77 -15.01 10.54
C MET A 462 23.97 -14.92 9.62
N VAL A 463 23.76 -15.04 8.31
CA VAL A 463 24.80 -14.69 7.36
C VAL A 463 25.25 -13.25 7.58
N PHE A 464 24.29 -12.34 7.68
CA PHE A 464 24.66 -10.93 7.80
C PHE A 464 25.37 -10.66 9.13
N LYS A 465 24.96 -11.32 10.20
CA LYS A 465 25.74 -11.09 11.42
C LYS A 465 27.07 -11.84 11.41
N GLY A 466 27.43 -12.42 10.27
CA GLY A 466 28.67 -13.14 10.13
C GLY A 466 28.75 -14.45 10.86
N GLU A 467 27.65 -14.88 11.51
CA GLU A 467 27.59 -16.11 12.29
C GLU A 467 27.69 -17.36 11.45
N ILE A 468 27.61 -17.26 10.13
CA ILE A 468 27.83 -18.41 9.25
C ILE A 468 29.06 -18.10 8.41
N PRO A 469 30.18 -18.77 8.67
CA PRO A 469 31.31 -18.53 7.80
C PRO A 469 31.00 -18.98 6.38
N LYS A 470 31.66 -18.35 5.42
CA LYS A 470 31.44 -18.61 4.00
C LYS A 470 31.34 -20.06 3.58
N ASP A 471 32.40 -20.82 3.83
CA ASP A 471 32.49 -22.24 3.45
C ASP A 471 31.24 -23.04 3.72
N GLN A 472 30.81 -22.99 4.97
CA GLN A 472 29.64 -23.72 5.39
C GLN A 472 28.35 -22.94 5.24
N TRP A 473 28.10 -22.41 4.05
CA TRP A 473 26.90 -21.69 3.86
C TRP A 473 25.88 -22.73 3.66
N MET A 474 26.02 -23.47 2.56
CA MET A 474 25.10 -24.54 2.23
C MET A 474 24.85 -25.50 3.37
N LYS A 475 25.89 -25.93 4.06
CA LYS A 475 25.73 -26.83 5.16
C LYS A 475 24.85 -26.18 6.20
N LYS A 476 25.28 -25.07 6.75
CA LYS A 476 24.41 -24.46 7.76
C LYS A 476 23.00 -24.35 7.23
N TRP A 477 22.85 -23.79 6.03
CA TRP A 477 21.56 -23.70 5.37
C TRP A 477 20.81 -24.99 5.54
N TRP A 478 21.33 -26.05 4.93
CA TRP A 478 20.54 -27.27 4.90
C TRP A 478 20.36 -27.87 6.28
N GLU A 479 21.32 -27.68 7.18
CA GLU A 479 21.11 -28.17 8.53
C GLU A 479 19.82 -27.60 9.08
N MET A 480 19.62 -26.29 8.90
CA MET A 480 18.40 -25.61 9.33
C MET A 480 17.17 -26.12 8.57
N LYS A 481 17.30 -26.39 7.28
CA LYS A 481 16.17 -26.93 6.52
C LYS A 481 15.84 -28.35 6.96
N ARG A 482 16.80 -29.07 7.50
CA ARG A 482 16.46 -30.38 8.01
C ARG A 482 15.81 -30.24 9.38
N GLU A 483 16.26 -29.26 10.15
CA GLU A 483 15.82 -29.26 11.53
C GLU A 483 14.51 -28.53 11.70
N ILE A 484 14.37 -27.38 11.04
CA ILE A 484 13.25 -26.48 11.23
C ILE A 484 12.12 -26.77 10.24
N VAL A 485 12.47 -26.87 8.96
CA VAL A 485 11.45 -27.11 7.95
C VAL A 485 11.25 -28.59 7.67
N GLY A 486 12.15 -29.44 8.11
CA GLY A 486 12.04 -30.85 7.80
C GLY A 486 11.99 -31.07 6.31
N VAL A 487 13.05 -30.70 5.60
CA VAL A 487 13.21 -31.04 4.19
C VAL A 487 14.62 -31.55 3.96
N MET A 488 14.81 -32.16 2.79
CA MET A 488 15.70 -33.30 2.66
C MET A 488 17.01 -33.02 1.96
N GLU A 489 17.09 -32.01 1.09
CA GLU A 489 18.23 -31.76 0.19
C GLU A 489 18.61 -33.00 -0.61
N PRO A 490 17.81 -33.38 -1.60
CA PRO A 490 18.04 -34.65 -2.31
C PRO A 490 19.47 -34.89 -2.77
N VAL A 491 20.03 -34.00 -3.57
CA VAL A 491 21.43 -34.16 -3.97
C VAL A 491 22.28 -33.42 -2.95
N PRO A 492 23.40 -33.98 -2.48
CA PRO A 492 24.22 -33.27 -1.50
C PRO A 492 24.82 -32.00 -2.10
N HIS A 493 24.60 -30.86 -1.45
CA HIS A 493 25.10 -29.60 -1.93
C HIS A 493 26.27 -29.14 -1.07
N ASP A 494 27.43 -29.01 -1.69
CA ASP A 494 28.61 -28.48 -1.01
C ASP A 494 28.56 -26.96 -1.06
N GLU A 495 29.70 -26.34 -0.75
CA GLU A 495 29.75 -24.89 -0.56
C GLU A 495 29.95 -24.16 -1.86
N THR A 496 30.20 -24.88 -2.94
CA THR A 496 30.17 -24.26 -4.25
C THR A 496 28.74 -23.93 -4.67
N TYR A 497 27.76 -24.67 -4.15
CA TYR A 497 26.36 -24.43 -4.49
C TYR A 497 25.79 -23.22 -3.76
N CYS A 498 24.76 -22.63 -4.34
CA CYS A 498 24.14 -21.47 -3.69
C CYS A 498 22.63 -21.51 -3.95
N ASP A 499 21.92 -22.24 -3.10
CA ASP A 499 20.52 -22.54 -3.27
C ASP A 499 19.60 -21.38 -2.84
N PRO A 500 19.89 -20.63 -1.77
CA PRO A 500 18.95 -19.55 -1.39
C PRO A 500 18.79 -18.51 -2.48
N ALA A 501 19.83 -18.22 -3.24
CA ALA A 501 19.72 -17.24 -4.32
C ALA A 501 18.78 -17.70 -5.42
N ALA A 502 18.41 -18.99 -5.44
CA ALA A 502 17.44 -19.49 -6.41
C ALA A 502 16.05 -18.91 -6.19
N LEU A 503 15.84 -18.23 -5.06
CA LEU A 503 14.55 -17.63 -4.73
C LEU A 503 14.57 -16.18 -5.16
N TYR A 504 13.54 -15.78 -5.91
CA TYR A 504 13.39 -14.39 -6.34
C TYR A 504 13.70 -13.41 -5.23
N HIS A 505 13.01 -13.51 -4.09
CA HIS A 505 13.19 -12.54 -3.03
C HIS A 505 14.61 -12.50 -2.50
N VAL A 506 15.32 -13.61 -2.62
CA VAL A 506 16.68 -13.67 -2.08
C VAL A 506 17.63 -12.95 -3.04
N SER A 507 17.53 -13.25 -4.33
CA SER A 507 18.44 -12.71 -5.31
C SER A 507 17.96 -11.39 -5.89
N ASN A 508 16.72 -10.97 -5.61
CA ASN A 508 16.31 -9.63 -6.00
C ASN A 508 16.21 -8.70 -4.80
N ASP A 509 16.92 -9.02 -3.72
CA ASP A 509 17.15 -8.12 -2.59
C ASP A 509 15.86 -7.64 -1.94
N PHE A 510 15.06 -8.60 -1.48
CA PHE A 510 13.82 -8.32 -0.78
C PHE A 510 13.82 -8.98 0.58
N SER A 511 13.42 -8.24 1.61
CA SER A 511 13.22 -8.89 2.89
C SER A 511 12.02 -9.82 2.81
N PHE A 512 11.95 -10.76 3.75
CA PHE A 512 11.06 -11.88 3.60
C PHE A 512 10.29 -12.21 4.87
N ILE A 513 10.68 -11.64 6.00
CA ILE A 513 9.93 -11.91 7.21
C ILE A 513 8.55 -11.31 7.14
N ARG A 514 8.22 -10.54 6.10
CA ARG A 514 6.89 -9.94 6.04
C ARG A 514 5.81 -11.00 5.95
N TYR A 515 6.10 -12.14 5.32
CA TYR A 515 5.07 -13.16 5.18
C TYR A 515 4.79 -13.84 6.50
N TYR A 516 5.82 -14.01 7.32
CA TYR A 516 5.58 -14.53 8.66
C TYR A 516 4.70 -13.58 9.45
N THR A 517 5.18 -12.35 9.66
CA THR A 517 4.44 -11.39 10.47
C THR A 517 3.03 -11.13 9.93
N ARG A 518 2.91 -10.87 8.63
CA ARG A 518 1.61 -10.67 8.02
C ARG A 518 0.66 -11.82 8.31
N THR A 519 1.14 -13.05 8.09
CA THR A 519 0.29 -14.21 8.36
C THR A 519 -0.12 -14.27 9.82
N ILE A 520 0.73 -13.84 10.73
CA ILE A 520 0.26 -13.92 12.12
C ILE A 520 -0.68 -12.80 12.48
N TYR A 521 -0.53 -11.63 11.86
CA TYR A 521 -1.42 -10.49 12.09
C TYR A 521 -2.83 -10.81 11.65
N GLN A 522 -3.00 -11.28 10.40
CA GLN A 522 -4.35 -11.32 9.84
C GLN A 522 -5.31 -11.99 10.78
N PHE A 523 -4.88 -13.09 11.41
CA PHE A 523 -5.75 -13.85 12.30
C PHE A 523 -6.01 -13.16 13.62
N GLN A 524 -5.06 -12.39 14.14
CA GLN A 524 -5.36 -11.56 15.30
C GLN A 524 -6.44 -10.57 14.96
N PHE A 525 -6.37 -9.98 13.77
CA PHE A 525 -7.40 -9.03 13.33
C PHE A 525 -8.75 -9.72 13.30
N GLN A 526 -8.85 -10.69 12.40
CA GLN A 526 -10.12 -11.36 12.14
C GLN A 526 -10.71 -11.87 13.44
N GLU A 527 -9.88 -12.25 14.41
CA GLU A 527 -10.44 -12.63 15.71
C GLU A 527 -10.98 -11.43 16.46
N ALA A 528 -10.28 -10.29 16.44
CA ALA A 528 -10.78 -9.13 17.17
C ALA A 528 -12.10 -8.63 16.60
N LEU A 529 -12.15 -8.49 15.27
CA LEU A 529 -13.37 -8.04 14.62
C LEU A 529 -14.50 -9.01 14.85
N CYS A 530 -14.27 -10.31 14.61
CA CYS A 530 -15.34 -11.27 14.79
C CYS A 530 -15.87 -11.23 16.22
N GLN A 531 -14.97 -11.37 17.20
CA GLN A 531 -15.40 -11.22 18.59
C GLN A 531 -16.18 -9.92 18.82
N ALA A 532 -15.93 -8.88 17.99
CA ALA A 532 -16.67 -7.63 18.09
C ALA A 532 -17.95 -7.60 17.26
N ALA A 533 -18.03 -8.41 16.20
CA ALA A 533 -19.25 -8.64 15.44
C ALA A 533 -20.13 -9.70 16.07
N LYS A 534 -19.98 -9.92 17.39
CA LYS A 534 -20.77 -10.85 18.16
C LYS A 534 -20.85 -12.21 17.46
N HIS A 535 -19.70 -12.77 17.13
CA HIS A 535 -19.67 -14.02 16.39
C HIS A 535 -19.80 -15.24 17.29
N GLU A 536 -20.52 -16.24 16.79
CA GLU A 536 -20.83 -17.47 17.52
C GLU A 536 -20.24 -18.65 16.75
N GLY A 537 -19.18 -19.23 17.30
CA GLY A 537 -18.72 -20.52 16.83
C GLY A 537 -17.29 -20.55 16.36
N PRO A 538 -16.98 -21.50 15.50
CA PRO A 538 -15.68 -21.52 14.83
C PRO A 538 -15.30 -20.17 14.22
N LEU A 539 -14.09 -19.73 14.55
CA LEU A 539 -13.53 -18.57 13.89
C LEU A 539 -13.47 -18.74 12.39
N HIS A 540 -13.43 -19.97 11.89
CA HIS A 540 -13.16 -20.03 10.46
C HIS A 540 -14.40 -19.80 9.61
N LYS A 541 -15.58 -19.70 10.21
CA LYS A 541 -16.82 -19.42 9.49
C LYS A 541 -17.27 -17.99 9.64
N CYS A 542 -16.44 -17.15 10.24
CA CYS A 542 -16.82 -15.79 10.56
C CYS A 542 -17.01 -14.96 9.31
N ASP A 543 -18.04 -14.11 9.33
CA ASP A 543 -18.27 -13.18 8.25
C ASP A 543 -18.70 -11.87 8.90
N ILE A 544 -17.94 -10.80 8.67
CA ILE A 544 -18.20 -9.58 9.44
C ILE A 544 -19.26 -8.72 8.76
N SER A 545 -19.88 -9.24 7.71
CA SER A 545 -20.74 -8.42 6.87
C SER A 545 -21.87 -7.85 7.71
N ASN A 546 -22.41 -6.71 7.29
CA ASN A 546 -23.51 -6.08 8.00
C ASN A 546 -23.15 -5.75 9.45
N SER A 547 -21.87 -5.68 9.80
CA SER A 547 -21.50 -5.38 11.18
C SER A 547 -20.68 -4.11 11.22
N THR A 548 -21.30 -3.01 11.65
CA THR A 548 -20.62 -1.74 11.61
C THR A 548 -19.72 -1.55 12.81
N GLU A 549 -19.98 -2.26 13.92
CA GLU A 549 -19.13 -2.09 15.10
C GLU A 549 -17.73 -2.57 14.81
N ALA A 550 -17.63 -3.73 14.18
CA ALA A 550 -16.36 -4.22 13.70
C ALA A 550 -15.77 -3.29 12.66
N GLY A 551 -16.62 -2.62 11.88
CA GLY A 551 -16.11 -1.72 10.86
C GLY A 551 -15.50 -0.45 11.44
N GLN A 552 -16.23 0.23 12.31
CA GLN A 552 -15.68 1.40 12.96
C GLN A 552 -14.41 1.06 13.73
N LYS A 553 -14.38 -0.09 14.39
CA LYS A 553 -13.17 -0.50 15.10
C LYS A 553 -12.01 -0.69 14.13
N LEU A 554 -12.26 -1.29 12.97
CA LEU A 554 -11.20 -1.47 11.99
C LEU A 554 -10.66 -0.13 11.54
N LEU A 555 -11.58 0.79 11.20
CA LEU A 555 -11.23 2.14 10.78
C LEU A 555 -10.34 2.82 11.79
N ASN A 556 -10.75 2.83 13.05
CA ASN A 556 -9.98 3.53 14.09
C ASN A 556 -8.49 3.20 14.01
N MET A 557 -8.12 2.02 13.50
CA MET A 557 -6.72 1.74 13.21
C MET A 557 -6.34 2.05 11.78
N LEU A 558 -7.25 1.83 10.83
CA LEU A 558 -6.95 2.09 9.42
C LEU A 558 -6.46 3.52 9.18
N ARG A 559 -7.05 4.51 9.88
CA ARG A 559 -6.72 5.90 9.63
C ARG A 559 -5.32 6.29 10.06
N LEU A 560 -4.72 5.56 11.02
CA LEU A 560 -3.44 5.97 11.60
C LEU A 560 -2.29 5.89 10.61
N GLY A 561 -2.34 5.01 9.62
CA GLY A 561 -1.18 4.86 8.77
C GLY A 561 0.03 4.68 9.65
N LYS A 562 1.15 5.27 9.24
CA LYS A 562 2.32 5.18 10.10
C LYS A 562 2.37 6.27 11.17
N SER A 563 1.27 6.97 11.45
CA SER A 563 1.37 8.09 12.37
C SER A 563 1.58 7.65 13.81
N LYS A 564 1.14 6.43 14.17
CA LYS A 564 1.36 5.93 15.51
C LYS A 564 2.18 4.64 15.46
N PRO A 565 2.95 4.31 16.50
CA PRO A 565 3.75 3.08 16.46
C PRO A 565 2.88 1.85 16.28
N TRP A 566 3.29 0.97 15.35
CA TRP A 566 2.44 -0.15 14.96
C TRP A 566 1.97 -0.97 16.14
N THR A 567 2.72 -1.02 17.23
CA THR A 567 2.20 -1.66 18.43
C THR A 567 0.87 -1.05 18.84
N LEU A 568 0.79 0.29 18.88
CA LEU A 568 -0.46 0.94 19.23
C LEU A 568 -1.51 0.70 18.16
N ALA A 569 -1.12 0.81 16.89
CA ALA A 569 -2.07 0.51 15.82
C ALA A 569 -2.68 -0.86 16.03
N LEU A 570 -1.93 -1.79 16.60
CA LEU A 570 -2.48 -3.13 16.79
C LEU A 570 -3.37 -3.15 18.03
N GLU A 571 -2.84 -2.76 19.19
CA GLU A 571 -3.61 -2.79 20.43
C GLU A 571 -4.96 -2.11 20.27
N ASN A 572 -5.09 -1.18 19.32
CA ASN A 572 -6.43 -0.62 19.09
C ASN A 572 -7.39 -1.68 18.57
N VAL A 573 -6.97 -2.47 17.59
CA VAL A 573 -7.89 -3.47 17.03
C VAL A 573 -8.07 -4.65 17.99
N VAL A 574 -6.97 -5.31 18.35
CA VAL A 574 -7.04 -6.64 18.94
C VAL A 574 -6.74 -6.63 20.43
N GLY A 575 -6.59 -5.48 21.05
CA GLY A 575 -6.41 -5.45 22.48
C GLY A 575 -5.09 -5.96 23.00
N ALA A 576 -4.12 -6.19 22.12
CA ALA A 576 -2.83 -6.73 22.53
C ALA A 576 -1.71 -6.10 21.71
N ARG A 577 -0.60 -5.79 22.36
CA ARG A 577 0.45 -4.96 21.79
C ARG A 577 1.50 -5.71 21.02
N ASN A 578 1.29 -6.98 20.69
CA ASN A 578 2.37 -7.73 20.07
C ASN A 578 1.76 -8.83 19.21
N MET A 579 2.62 -9.59 18.55
CA MET A 579 2.21 -10.81 17.86
C MET A 579 1.67 -11.82 18.85
N ASP A 580 0.65 -12.56 18.42
CA ASP A 580 0.06 -13.65 19.18
C ASP A 580 -0.49 -14.67 18.20
N VAL A 581 0.01 -15.91 18.28
CA VAL A 581 -0.46 -16.99 17.42
C VAL A 581 -1.78 -17.60 17.88
N ARG A 582 -2.20 -17.34 19.13
CA ARG A 582 -3.44 -17.91 19.62
C ARG A 582 -4.54 -17.81 18.58
N PRO A 583 -4.90 -16.64 18.03
CA PRO A 583 -5.91 -16.63 16.97
C PRO A 583 -5.58 -17.50 15.78
N LEU A 584 -4.32 -17.70 15.43
CA LEU A 584 -4.02 -18.56 14.30
C LEU A 584 -4.33 -20.01 14.62
N LEU A 585 -3.67 -20.54 15.64
CA LEU A 585 -4.00 -21.86 16.18
C LEU A 585 -5.51 -22.04 16.37
N ASN A 586 -6.19 -20.95 16.72
CA ASN A 586 -7.62 -20.97 16.99
C ASN A 586 -8.43 -21.06 15.70
N TYR A 587 -7.96 -20.41 14.65
CA TYR A 587 -8.56 -20.60 13.35
C TYR A 587 -8.44 -22.05 12.92
N PHE A 588 -7.26 -22.63 13.09
CA PHE A 588 -6.99 -23.97 12.57
C PHE A 588 -7.29 -25.11 13.54
N GLU A 589 -7.78 -24.81 14.74
CA GLU A 589 -8.09 -25.81 15.76
C GLU A 589 -8.85 -27.01 15.21
N PRO A 590 -9.98 -26.85 14.52
CA PRO A 590 -10.61 -27.99 13.85
C PRO A 590 -9.72 -28.89 13.04
N LEU A 591 -8.72 -28.36 12.36
CA LEU A 591 -7.85 -29.26 11.62
C LEU A 591 -6.82 -29.89 12.54
N PHE A 592 -6.39 -29.14 13.55
CA PHE A 592 -5.39 -29.64 14.47
C PHE A 592 -5.88 -30.90 15.15
N GLY A 593 -7.01 -30.80 15.87
CA GLY A 593 -7.56 -31.98 16.51
C GLY A 593 -7.64 -33.17 15.59
N TRP A 594 -8.09 -32.93 14.36
CA TRP A 594 -8.32 -34.02 13.41
C TRP A 594 -7.02 -34.65 12.97
N LEU A 595 -5.98 -33.85 12.80
CA LEU A 595 -4.68 -34.39 12.37
C LEU A 595 -3.99 -35.11 13.51
N LYS A 596 -4.01 -34.55 14.72
CA LYS A 596 -3.50 -35.23 15.90
C LYS A 596 -4.06 -36.64 16.00
N ASP A 597 -5.38 -36.70 16.20
CA ASP A 597 -6.12 -37.94 16.15
C ASP A 597 -5.81 -38.79 14.92
N GLN A 598 -5.51 -38.18 13.78
CA GLN A 598 -5.24 -38.93 12.56
C GLN A 598 -3.84 -39.50 12.49
N ASN A 599 -2.95 -39.11 13.41
CA ASN A 599 -1.55 -39.55 13.44
C ASN A 599 -1.19 -40.20 14.76
N ARG A 600 -2.12 -40.90 15.39
CA ARG A 600 -1.79 -41.48 16.69
C ARG A 600 -1.12 -42.82 16.51
N ASN A 601 -1.22 -43.42 15.33
CA ASN A 601 -0.55 -44.67 15.04
C ASN A 601 0.71 -44.49 14.21
N SER A 602 1.05 -43.24 13.90
CA SER A 602 2.21 -42.91 13.11
C SER A 602 3.11 -41.96 13.90
N PHE A 603 4.33 -41.79 13.41
CA PHE A 603 5.35 -41.02 14.08
C PHE A 603 5.25 -39.57 13.68
N VAL A 604 5.43 -38.68 14.66
CA VAL A 604 5.30 -37.25 14.45
C VAL A 604 6.59 -36.58 14.85
N GLY A 605 7.22 -35.91 13.90
CA GLY A 605 8.59 -35.44 14.03
C GLY A 605 9.45 -35.97 12.89
N TRP A 606 10.57 -35.28 12.70
CA TRP A 606 11.51 -35.64 11.65
C TRP A 606 12.83 -36.02 12.30
N ASN A 607 13.49 -37.04 11.74
CA ASN A 607 14.85 -37.37 12.17
C ASN A 607 15.80 -36.68 11.20
N THR A 608 16.71 -35.88 11.73
CA THR A 608 17.57 -35.07 10.89
C THR A 608 18.70 -35.93 10.33
N ASP A 609 18.32 -36.88 9.47
CA ASP A 609 19.27 -37.74 8.75
C ASP A 609 18.57 -38.51 7.62
N THR B 1 -30.88 52.95 -15.58
CA THR B 1 -29.82 52.22 -14.88
C THR B 1 -29.37 50.99 -15.66
N ASN B 2 -28.06 50.79 -15.75
CA ASN B 2 -27.50 49.74 -16.59
C ASN B 2 -27.03 48.58 -15.72
N LEU B 3 -27.02 47.38 -16.33
CA LEU B 3 -26.90 46.13 -15.60
C LEU B 3 -25.49 45.95 -15.03
N CYS B 4 -25.38 45.32 -13.85
CA CYS B 4 -24.06 44.90 -13.41
C CYS B 4 -23.45 43.96 -14.44
N PRO B 5 -22.19 44.04 -14.63
CA PRO B 5 -21.51 43.03 -15.44
C PRO B 5 -21.08 41.84 -14.61
N PHE B 6 -21.91 41.38 -13.67
CA PHE B 6 -21.61 40.10 -13.04
C PHE B 6 -21.30 39.05 -14.10
N GLY B 7 -22.09 39.04 -15.17
CA GLY B 7 -21.93 38.02 -16.19
C GLY B 7 -20.53 37.98 -16.78
N GLU B 8 -19.92 39.13 -16.96
CA GLU B 8 -18.58 39.12 -17.54
C GLU B 8 -17.52 38.69 -16.54
N VAL B 9 -17.83 38.69 -15.23
CA VAL B 9 -16.88 38.20 -14.23
C VAL B 9 -17.03 36.70 -14.03
N PHE B 10 -18.27 36.25 -13.81
CA PHE B 10 -18.52 34.84 -13.49
C PHE B 10 -18.21 33.93 -14.67
N ASN B 11 -18.59 34.35 -15.86
CA ASN B 11 -18.38 33.57 -17.06
C ASN B 11 -17.10 33.92 -17.78
N ALA B 12 -16.19 34.62 -17.11
CA ALA B 12 -14.91 34.97 -17.72
C ALA B 12 -14.15 33.71 -18.09
N SER B 13 -13.37 33.78 -19.17
CA SER B 13 -12.72 32.58 -19.68
C SER B 13 -11.52 32.16 -18.84
N LYS B 14 -10.79 33.12 -18.25
CA LYS B 14 -9.59 32.81 -17.48
C LYS B 14 -9.67 33.49 -16.11
N PHE B 15 -9.24 32.76 -15.09
CA PHE B 15 -9.27 33.18 -13.70
C PHE B 15 -7.86 33.38 -13.17
N ALA B 16 -7.73 34.34 -12.26
CA ALA B 16 -6.45 34.61 -11.65
C ALA B 16 -6.14 33.54 -10.63
N SER B 17 -4.84 33.36 -10.38
CA SER B 17 -4.43 32.46 -9.32
C SER B 17 -4.68 33.10 -7.98
N VAL B 18 -4.94 32.27 -6.98
CA VAL B 18 -5.40 32.76 -5.69
C VAL B 18 -4.50 33.84 -5.14
N TYR B 19 -3.18 33.68 -5.26
CA TYR B 19 -2.29 34.58 -4.54
C TYR B 19 -2.38 35.99 -5.10
N ALA B 20 -2.66 36.12 -6.39
CA ALA B 20 -2.95 37.40 -7.03
C ALA B 20 -4.40 37.36 -7.46
N TRP B 21 -5.30 37.49 -6.49
CA TRP B 21 -6.69 37.37 -6.84
C TRP B 21 -7.12 38.60 -7.60
N ASN B 22 -8.12 38.42 -8.45
CA ASN B 22 -8.56 39.49 -9.35
C ASN B 22 -9.78 40.16 -8.75
N ARG B 23 -9.69 41.46 -8.53
CA ARG B 23 -10.75 42.23 -7.90
C ARG B 23 -11.40 43.18 -8.92
N LYS B 24 -12.72 43.15 -9.00
CA LYS B 24 -13.48 44.10 -9.81
C LYS B 24 -14.40 44.88 -8.89
N ARG B 25 -14.44 46.20 -9.09
CA ARG B 25 -15.41 47.05 -8.42
C ARG B 25 -16.63 47.26 -9.31
N ILE B 26 -17.81 47.19 -8.69
CA ILE B 26 -19.09 47.29 -9.37
C ILE B 26 -19.79 48.56 -8.90
N SER B 27 -20.18 49.41 -9.85
CA SER B 27 -20.92 50.61 -9.54
C SER B 27 -21.81 50.97 -10.72
N ASN B 28 -22.76 51.87 -10.45
CA ASN B 28 -23.69 52.39 -11.45
C ASN B 28 -24.52 51.26 -12.03
N CYS B 29 -25.12 50.48 -11.15
CA CYS B 29 -25.55 49.15 -11.54
C CYS B 29 -26.93 48.73 -11.03
N VAL B 30 -27.73 48.18 -11.94
CA VAL B 30 -28.89 47.35 -11.60
C VAL B 30 -28.53 45.91 -11.90
N ALA B 31 -28.80 45.01 -10.96
CA ALA B 31 -28.59 43.61 -11.28
C ALA B 31 -29.58 42.73 -10.55
N ASP B 32 -29.70 41.51 -11.03
CA ASP B 32 -30.68 40.57 -10.52
C ASP B 32 -29.87 39.49 -9.79
N TYR B 33 -29.77 39.63 -8.47
CA TYR B 33 -29.02 38.65 -7.69
C TYR B 33 -29.79 37.35 -7.51
N SER B 34 -31.11 37.39 -7.60
CA SER B 34 -31.90 36.17 -7.55
C SER B 34 -31.70 35.30 -8.79
N VAL B 35 -31.03 35.83 -9.82
CA VAL B 35 -30.64 35.02 -10.98
C VAL B 35 -29.51 34.08 -10.60
N LEU B 36 -28.50 34.62 -9.93
CA LEU B 36 -27.35 33.84 -9.55
C LEU B 36 -27.74 32.72 -8.58
N TYR B 37 -28.64 33.00 -7.64
CA TYR B 37 -29.11 31.94 -6.76
C TYR B 37 -30.07 31.01 -7.49
N ASN B 38 -30.86 31.55 -8.42
CA ASN B 38 -31.74 30.73 -9.24
C ASN B 38 -30.95 29.66 -10.00
N SER B 39 -29.67 29.93 -10.31
CA SER B 39 -28.91 29.04 -11.21
C SER B 39 -28.59 27.69 -10.57
N THR B 40 -28.06 27.70 -9.35
CA THR B 40 -27.75 26.49 -8.57
C THR B 40 -26.82 25.51 -9.27
N SER B 41 -26.14 25.89 -10.34
CA SER B 41 -25.01 25.08 -10.78
C SER B 41 -23.77 25.35 -9.93
N PHE B 42 -23.94 26.06 -8.83
CA PHE B 42 -22.85 26.41 -7.93
C PHE B 42 -22.80 25.42 -6.78
N SER B 43 -21.68 24.71 -6.68
CA SER B 43 -21.47 23.79 -5.57
C SER B 43 -21.61 24.52 -4.23
N THR B 44 -20.96 25.66 -4.10
CA THR B 44 -21.00 26.42 -2.86
C THR B 44 -21.64 27.77 -3.14
N PHE B 45 -22.42 28.25 -2.16
CA PHE B 45 -23.09 29.57 -2.28
C PHE B 45 -23.55 29.96 -0.88
N LYS B 46 -22.65 30.46 -0.03
CA LYS B 46 -23.05 30.74 1.37
C LYS B 46 -22.88 32.23 1.65
N CYS B 47 -23.84 33.05 1.21
CA CYS B 47 -23.78 34.51 1.46
C CYS B 47 -23.87 34.74 2.97
N TYR B 48 -22.86 35.36 3.57
CA TYR B 48 -22.89 35.67 5.03
C TYR B 48 -23.23 37.14 5.22
N GLY B 49 -23.54 37.53 6.46
CA GLY B 49 -23.85 38.94 6.74
C GLY B 49 -25.26 39.34 6.32
N VAL B 50 -25.83 38.65 5.33
CA VAL B 50 -27.14 39.02 4.83
C VAL B 50 -27.73 37.97 3.93
N SER B 51 -28.94 37.52 4.21
CA SER B 51 -29.60 36.52 3.38
C SER B 51 -29.66 36.95 1.93
N PRO B 52 -29.37 36.03 1.01
CA PRO B 52 -29.31 36.23 -0.44
C PRO B 52 -30.59 36.69 -1.10
N THR B 53 -31.72 36.24 -0.60
CA THR B 53 -32.99 36.63 -1.21
C THR B 53 -33.28 38.11 -0.95
N LYS B 54 -33.03 38.58 0.27
CA LYS B 54 -33.41 39.93 0.66
C LYS B 54 -32.76 40.98 -0.23
N LEU B 55 -31.52 40.75 -0.62
CA LEU B 55 -30.71 41.83 -1.16
C LEU B 55 -31.10 42.22 -2.59
N ASN B 56 -31.99 41.47 -3.24
CA ASN B 56 -32.25 41.77 -4.64
C ASN B 56 -32.96 43.10 -4.81
N ASP B 57 -33.81 43.50 -3.87
CA ASP B 57 -34.48 44.79 -3.98
C ASP B 57 -33.96 45.78 -2.97
N LEU B 58 -32.74 45.56 -2.48
CA LEU B 58 -32.01 46.53 -1.69
C LEU B 58 -30.83 47.02 -2.53
N CYS B 59 -30.58 48.33 -2.49
CA CYS B 59 -29.53 48.94 -3.27
C CYS B 59 -28.29 49.11 -2.40
N PHE B 60 -27.10 49.06 -3.03
CA PHE B 60 -25.85 49.08 -2.29
C PHE B 60 -24.82 50.02 -2.92
N THR B 61 -23.79 50.36 -2.14
CA THR B 61 -22.97 51.54 -2.42
C THR B 61 -21.61 51.20 -3.03
N ASN B 62 -20.84 50.28 -2.47
CA ASN B 62 -19.97 49.54 -3.38
C ASN B 62 -20.08 48.04 -3.24
N VAL B 63 -19.69 47.42 -4.33
CA VAL B 63 -19.69 45.99 -4.53
C VAL B 63 -18.30 45.66 -5.05
N TYR B 64 -17.62 44.69 -4.41
CA TYR B 64 -16.33 44.23 -4.88
C TYR B 64 -16.44 42.73 -5.14
N ALA B 65 -16.13 42.30 -6.36
CA ALA B 65 -16.21 40.91 -6.79
C ALA B 65 -14.80 40.39 -7.04
N ASP B 66 -14.32 39.53 -6.14
CA ASP B 66 -12.98 38.96 -6.22
C ASP B 66 -13.08 37.53 -6.74
N SER B 67 -12.40 37.24 -7.83
CA SER B 67 -12.42 35.89 -8.37
C SER B 67 -11.01 35.34 -8.42
N PHE B 68 -10.89 34.01 -8.24
CA PHE B 68 -9.64 33.25 -8.24
C PHE B 68 -9.96 31.76 -8.34
N VAL B 69 -8.92 30.94 -8.51
CA VAL B 69 -9.06 29.49 -8.67
C VAL B 69 -8.29 28.78 -7.56
N VAL B 70 -8.98 27.90 -6.82
CA VAL B 70 -8.40 27.29 -5.65
C VAL B 70 -8.73 25.80 -5.70
N LYS B 71 -8.04 25.01 -4.88
CA LYS B 71 -8.24 23.57 -4.85
C LYS B 71 -9.54 23.23 -4.14
N GLY B 72 -10.28 22.25 -4.67
CA GLY B 72 -11.59 21.96 -4.12
C GLY B 72 -11.57 21.84 -2.62
N ASP B 73 -10.71 20.98 -2.11
CA ASP B 73 -10.38 20.79 -0.70
C ASP B 73 -10.40 22.09 0.10
N GLU B 74 -9.94 23.19 -0.50
CA GLU B 74 -9.63 24.44 0.22
C GLU B 74 -10.76 25.45 0.24
N VAL B 75 -11.83 25.23 -0.53
CA VAL B 75 -12.92 26.19 -0.58
C VAL B 75 -13.45 26.49 0.83
N ARG B 76 -13.37 25.52 1.75
CA ARG B 76 -13.85 25.73 3.11
C ARG B 76 -13.10 26.82 3.86
N GLN B 77 -12.03 27.40 3.31
CA GLN B 77 -11.27 28.40 4.04
C GLN B 77 -11.64 29.81 3.64
N ILE B 78 -12.48 29.98 2.64
CA ILE B 78 -12.86 31.28 2.11
C ILE B 78 -14.08 31.80 2.86
N ALA B 79 -13.97 31.95 4.18
CA ALA B 79 -15.10 32.29 5.02
C ALA B 79 -14.56 32.88 6.31
N PRO B 80 -15.32 33.73 7.00
CA PRO B 80 -14.79 34.34 8.22
C PRO B 80 -14.45 33.29 9.26
N GLY B 81 -13.46 33.61 10.08
CA GLY B 81 -13.02 32.73 11.13
C GLY B 81 -12.21 31.54 10.71
N GLN B 82 -11.90 31.39 9.42
CA GLN B 82 -11.15 30.26 8.93
C GLN B 82 -9.66 30.58 8.84
N THR B 83 -8.83 29.66 9.33
CA THR B 83 -7.37 29.70 9.17
C THR B 83 -6.95 28.41 8.49
N GLY B 84 -6.40 28.52 7.31
CA GLY B 84 -5.86 27.39 6.58
C GLY B 84 -4.57 27.79 5.87
N VAL B 85 -4.11 27.09 4.84
CA VAL B 85 -2.98 27.63 4.09
C VAL B 85 -3.44 28.81 3.26
N ILE B 86 -4.62 28.68 2.64
CA ILE B 86 -5.15 29.73 1.78
C ILE B 86 -5.53 30.93 2.61
N ALA B 87 -6.43 30.75 3.57
CA ALA B 87 -6.86 31.90 4.36
C ALA B 87 -5.70 32.50 5.14
N ASP B 88 -4.71 31.73 5.47
CA ASP B 88 -3.67 32.31 6.25
C ASP B 88 -2.84 33.21 5.38
N TYR B 89 -2.25 32.63 4.35
CA TYR B 89 -1.36 33.36 3.51
C TYR B 89 -1.84 33.69 2.13
N ASN B 90 -3.13 33.60 1.86
CA ASN B 90 -3.57 33.93 0.52
C ASN B 90 -4.78 34.84 0.39
N TYR B 91 -5.86 34.59 1.13
CA TYR B 91 -7.03 35.45 0.99
C TYR B 91 -7.95 35.46 2.21
N LYS B 92 -7.54 36.14 3.27
CA LYS B 92 -8.34 36.16 4.46
C LYS B 92 -9.51 37.09 4.40
N LEU B 93 -10.65 36.63 4.89
CA LEU B 93 -11.89 37.41 4.96
C LEU B 93 -12.05 37.76 6.41
N PRO B 94 -12.58 38.93 6.69
CA PRO B 94 -12.60 39.33 8.10
C PRO B 94 -13.77 38.71 8.83
N ASP B 95 -13.82 38.93 10.13
CA ASP B 95 -14.91 38.39 10.94
C ASP B 95 -16.22 39.12 10.64
N ASP B 96 -16.28 40.41 10.96
CA ASP B 96 -17.43 41.23 10.60
C ASP B 96 -17.57 41.34 9.07
N PHE B 97 -18.00 40.27 8.43
CA PHE B 97 -18.07 40.20 6.98
C PHE B 97 -19.54 40.21 6.57
N THR B 98 -19.86 40.97 5.51
CA THR B 98 -21.24 41.02 4.99
C THR B 98 -21.18 40.81 3.49
N GLY B 99 -21.21 39.56 3.04
CA GLY B 99 -21.06 39.31 1.60
C GLY B 99 -21.28 37.87 1.21
N CYS B 100 -20.74 37.45 0.07
CA CYS B 100 -21.03 36.08 -0.41
C CYS B 100 -19.78 35.28 -0.75
N VAL B 101 -19.94 33.96 -0.79
CA VAL B 101 -18.82 33.09 -1.24
C VAL B 101 -19.44 32.13 -2.24
N ILE B 102 -19.31 32.44 -3.52
CA ILE B 102 -19.91 31.59 -4.59
C ILE B 102 -18.79 30.76 -5.21
N ALA B 103 -19.01 29.46 -5.40
CA ALA B 103 -17.93 28.63 -5.92
C ALA B 103 -18.51 27.44 -6.67
N TRP B 104 -17.78 27.00 -7.68
CA TRP B 104 -18.24 25.89 -8.50
C TRP B 104 -17.05 25.08 -8.97
N ASN B 105 -17.28 23.81 -9.29
CA ASN B 105 -16.21 23.03 -9.87
C ASN B 105 -15.92 23.51 -11.28
N SER B 106 -14.64 23.55 -11.62
CA SER B 106 -14.15 24.04 -12.90
C SER B 106 -13.31 22.99 -13.61
N VAL B 107 -13.50 21.71 -13.26
CA VAL B 107 -12.63 20.65 -13.75
C VAL B 107 -12.57 20.68 -15.27
N LYS B 108 -13.70 20.87 -15.93
CA LYS B 108 -13.68 20.67 -17.38
C LYS B 108 -12.88 21.75 -18.08
N GLN B 109 -12.78 22.93 -17.48
CA GLN B 109 -12.09 24.06 -18.08
C GLN B 109 -10.66 24.21 -17.57
N ASP B 110 -10.48 24.18 -16.26
CA ASP B 110 -9.21 24.52 -15.64
C ASP B 110 -8.27 23.34 -15.43
N ALA B 111 -8.67 22.15 -15.88
CA ALA B 111 -7.89 20.95 -15.72
C ALA B 111 -7.46 20.41 -17.05
N LEU B 112 -6.29 19.79 -17.09
CA LEU B 112 -5.75 19.27 -18.32
C LEU B 112 -5.35 17.84 -18.18
N THR B 113 -5.61 17.04 -19.21
CA THR B 113 -5.22 15.67 -19.18
C THR B 113 -3.74 15.67 -19.38
N GLY B 114 -2.97 15.63 -18.31
CA GLY B 114 -1.53 15.64 -18.44
C GLY B 114 -0.96 16.65 -17.50
N GLY B 115 -1.74 17.68 -17.21
CA GLY B 115 -1.29 18.69 -16.29
C GLY B 115 -1.53 20.13 -16.70
N ASN B 116 -1.98 20.93 -15.74
CA ASN B 116 -2.24 22.34 -15.95
C ASN B 116 -1.64 23.08 -14.80
N TYR B 117 -0.32 23.05 -14.73
CA TYR B 117 0.36 23.70 -13.64
C TYR B 117 0.44 25.20 -13.78
N GLY B 118 -0.62 25.83 -14.25
CA GLY B 118 -0.59 27.27 -14.38
C GLY B 118 -0.94 28.02 -13.13
N TYR B 119 -1.85 27.49 -12.32
CA TYR B 119 -2.29 28.23 -11.15
C TYR B 119 -1.26 28.03 -10.06
N LEU B 120 -1.23 28.93 -9.08
CA LEU B 120 -0.16 28.97 -8.10
C LEU B 120 -0.76 29.34 -6.76
N TYR B 121 0.04 29.21 -5.71
CA TYR B 121 -0.40 29.60 -4.37
C TYR B 121 0.82 29.84 -3.51
N ARG B 122 0.65 30.65 -2.49
CA ARG B 122 1.80 31.07 -1.69
C ARG B 122 1.79 30.28 -0.41
N LEU B 123 2.85 29.53 -0.17
CA LEU B 123 2.90 28.60 0.94
C LEU B 123 3.63 29.15 2.15
N PHE B 124 4.51 30.13 1.97
CA PHE B 124 5.22 30.75 3.07
C PHE B 124 5.04 32.26 3.06
N ARG B 125 5.05 32.82 4.25
CA ARG B 125 4.85 34.24 4.46
C ARG B 125 5.21 34.51 5.91
N LYS B 126 5.85 35.64 6.16
CA LYS B 126 6.35 35.90 7.50
C LYS B 126 5.21 36.00 8.51
N SER B 127 4.05 36.49 8.07
CA SER B 127 2.94 36.78 8.95
C SER B 127 1.65 36.68 8.15
N LYS B 128 0.54 36.52 8.86
CA LYS B 128 -0.73 36.30 8.20
C LYS B 128 -1.21 37.60 7.57
N LEU B 129 -1.74 37.50 6.34
CA LEU B 129 -2.39 38.66 5.74
C LEU B 129 -3.49 39.17 6.64
N LYS B 130 -3.61 40.48 6.66
CA LYS B 130 -4.75 41.16 7.20
C LYS B 130 -5.87 41.05 6.18
N PRO B 131 -7.13 41.13 6.61
CA PRO B 131 -8.26 40.88 5.70
C PRO B 131 -8.12 41.60 4.37
N PHE B 132 -8.39 40.89 3.28
CA PHE B 132 -8.37 41.42 1.92
C PHE B 132 -6.99 41.87 1.47
N GLU B 133 -5.98 41.81 2.31
CA GLU B 133 -4.63 42.03 1.82
C GLU B 133 -4.37 41.16 0.60
N ARG B 134 -3.55 41.65 -0.30
CA ARG B 134 -3.05 40.84 -1.40
C ARG B 134 -1.54 40.87 -1.28
N ASP B 135 -0.88 39.79 -1.69
CA ASP B 135 0.59 39.73 -1.61
C ASP B 135 1.04 38.96 -2.83
N ILE B 136 1.97 39.54 -3.60
CA ILE B 136 2.50 38.90 -4.79
C ILE B 136 4.02 38.97 -4.81
N SER B 137 4.61 39.34 -3.69
CA SER B 137 6.05 39.31 -3.55
C SER B 137 6.54 37.90 -3.77
N THR B 138 7.47 37.71 -4.70
CA THR B 138 8.14 36.44 -4.85
C THR B 138 9.43 36.34 -4.05
N GLU B 139 9.58 37.15 -3.00
CA GLU B 139 10.83 37.17 -2.25
C GLU B 139 11.06 35.86 -1.53
N ILE B 140 12.26 35.27 -1.74
CA ILE B 140 12.65 34.03 -1.06
C ILE B 140 12.41 34.13 0.43
N TYR B 141 11.62 33.19 0.96
CA TYR B 141 11.24 33.24 2.37
C TYR B 141 12.33 32.60 3.23
N GLN B 142 12.86 33.38 4.15
CA GLN B 142 13.95 32.94 5.04
C GLN B 142 13.38 32.60 6.41
N ALA B 143 13.26 31.31 6.68
CA ALA B 143 12.86 30.82 8.00
C ALA B 143 14.07 30.68 8.92
N GLY B 144 15.22 30.29 8.38
CA GLY B 144 16.42 30.20 9.17
C GLY B 144 16.76 31.51 9.85
N SER B 145 17.83 31.46 10.66
CA SER B 145 18.45 32.71 11.09
C SER B 145 19.44 33.20 10.04
N THR B 146 20.17 32.26 9.44
CA THR B 146 21.10 32.54 8.36
C THR B 146 20.34 33.16 7.18
N PRO B 147 20.68 34.37 6.77
CA PRO B 147 19.98 34.98 5.65
C PRO B 147 20.42 34.41 4.32
N CYS B 148 19.47 34.34 3.41
CA CYS B 148 19.67 33.83 2.07
C CYS B 148 19.65 34.99 1.09
N ASN B 149 20.76 35.25 0.46
CA ASN B 149 20.80 36.30 -0.54
C ASN B 149 20.47 35.65 -1.88
N GLY B 150 19.17 35.56 -2.16
CA GLY B 150 18.69 35.15 -3.46
C GLY B 150 18.76 33.66 -3.69
N GLN B 151 19.74 33.01 -3.11
CA GLN B 151 19.81 31.56 -3.25
C GLN B 151 18.84 30.91 -2.29
N VAL B 152 18.00 30.04 -2.85
CA VAL B 152 17.13 29.15 -2.09
C VAL B 152 17.93 27.91 -1.68
N GLY B 153 17.98 27.65 -0.38
CA GLY B 153 18.72 26.51 0.16
C GLY B 153 18.01 25.97 1.38
N LEU B 154 18.73 25.33 2.30
CA LEU B 154 18.04 24.86 3.48
C LEU B 154 17.64 26.05 4.34
N ASN B 155 16.44 25.99 4.89
CA ASN B 155 15.88 27.02 5.76
C ASN B 155 15.64 28.33 5.00
N CYS B 156 15.68 28.30 3.67
CA CYS B 156 15.33 29.47 2.86
C CYS B 156 14.69 28.99 1.56
N TYR B 157 13.36 28.94 1.54
CA TYR B 157 12.57 28.44 0.42
C TYR B 157 11.91 29.55 -0.38
N TYR B 158 11.71 29.27 -1.66
CA TYR B 158 10.84 30.04 -2.53
C TYR B 158 9.41 29.98 -2.01
N PRO B 159 8.60 31.06 -2.17
CA PRO B 159 7.33 31.12 -1.43
C PRO B 159 6.13 30.58 -2.17
N LEU B 160 6.18 30.39 -3.48
CA LEU B 160 4.98 29.97 -4.20
C LEU B 160 5.16 28.59 -4.80
N GLU B 161 4.05 27.90 -5.04
CA GLU B 161 4.11 26.63 -5.75
C GLU B 161 2.88 26.42 -6.63
N ARG B 162 2.99 25.48 -7.56
CA ARG B 162 1.96 25.25 -8.56
C ARG B 162 0.91 24.24 -8.11
N TYR B 163 -0.34 24.54 -8.40
CA TYR B 163 -1.41 23.65 -8.04
C TYR B 163 -1.29 22.36 -8.83
N GLY B 164 -1.15 22.47 -10.14
CA GLY B 164 -1.11 21.27 -10.94
C GLY B 164 -2.40 20.46 -10.83
N PHE B 165 -3.42 20.93 -11.52
CA PHE B 165 -4.65 20.17 -11.56
C PHE B 165 -4.58 19.15 -12.68
N HIS B 166 -5.28 18.04 -12.45
CA HIS B 166 -5.39 16.92 -13.37
C HIS B 166 -6.87 16.59 -13.43
N PRO B 167 -7.34 16.02 -14.55
CA PRO B 167 -8.77 15.69 -14.64
C PRO B 167 -9.15 14.49 -13.80
N THR B 168 -8.18 13.64 -13.43
CA THR B 168 -8.45 12.38 -12.77
C THR B 168 -8.45 12.47 -11.24
N THR B 169 -7.99 13.56 -10.65
CA THR B 169 -7.78 13.58 -9.22
C THR B 169 -9.11 13.55 -8.49
N GLY B 170 -9.06 13.50 -7.20
CA GLY B 170 -10.27 13.45 -6.42
C GLY B 170 -10.87 14.82 -6.29
N VAL B 171 -12.14 14.86 -5.88
CA VAL B 171 -12.84 16.14 -5.72
C VAL B 171 -11.98 17.10 -4.92
N ASN B 172 -11.59 16.70 -3.72
CA ASN B 172 -10.86 17.61 -2.86
C ASN B 172 -9.66 18.21 -3.59
N TYR B 173 -9.03 17.42 -4.45
CA TYR B 173 -7.88 17.84 -5.23
C TYR B 173 -8.25 18.34 -6.64
N GLN B 174 -9.49 18.82 -6.82
CA GLN B 174 -10.01 19.28 -8.10
C GLN B 174 -10.21 20.79 -8.09
N PRO B 175 -10.13 21.43 -9.27
CA PRO B 175 -10.02 22.88 -9.32
C PRO B 175 -11.38 23.54 -9.25
N PHE B 176 -11.64 24.26 -8.17
CA PHE B 176 -12.89 24.98 -8.03
C PHE B 176 -12.61 26.47 -8.25
N ARG B 177 -13.40 27.12 -9.10
CA ARG B 177 -13.37 28.58 -9.24
C ARG B 177 -14.26 29.24 -8.20
N VAL B 178 -13.89 30.45 -7.79
CA VAL B 178 -14.51 31.11 -6.63
C VAL B 178 -14.62 32.60 -6.88
N VAL B 179 -15.75 33.18 -6.42
CA VAL B 179 -16.08 34.60 -6.51
C VAL B 179 -16.62 35.04 -5.16
N VAL B 180 -16.02 36.07 -4.58
CA VAL B 180 -16.42 36.59 -3.27
C VAL B 180 -17.03 37.98 -3.49
N LEU B 181 -18.21 38.21 -2.92
CA LEU B 181 -18.90 39.48 -3.11
C LEU B 181 -18.89 40.27 -1.81
N SER B 182 -18.36 41.49 -1.87
CA SER B 182 -18.30 42.42 -0.76
C SER B 182 -19.24 43.59 -1.00
N PHE B 183 -19.87 44.05 0.08
CA PHE B 183 -20.83 45.17 0.00
C PHE B 183 -20.36 46.25 0.95
N GLU B 184 -20.74 47.52 0.72
CA GLU B 184 -20.15 48.59 1.57
C GLU B 184 -21.11 49.75 1.84
N LEU B 185 -22.27 49.51 2.43
CA LEU B 185 -23.16 50.65 2.81
C LEU B 185 -22.45 51.50 3.86
N LEU B 186 -21.58 52.41 3.43
CA LEU B 186 -20.79 53.25 4.36
C LEU B 186 -20.57 54.54 3.60
N ASN B 187 -20.64 54.45 2.27
CA ASN B 187 -20.46 55.65 1.40
C ASN B 187 -21.81 56.34 1.25
N GLY B 188 -21.79 57.63 0.92
CA GLY B 188 -23.05 58.35 0.67
C GLY B 188 -23.80 57.79 -0.52
N PRO B 189 -23.36 58.07 -1.76
CA PRO B 189 -24.11 57.64 -2.94
C PRO B 189 -24.15 56.12 -3.14
N ALA B 190 -25.31 55.50 -2.95
CA ALA B 190 -25.39 54.05 -3.30
C ALA B 190 -25.37 53.98 -4.82
N THR B 191 -25.15 52.80 -5.41
CA THR B 191 -25.03 52.76 -6.89
C THR B 191 -25.17 51.35 -7.45
N VAL B 192 -25.57 50.37 -6.64
CA VAL B 192 -25.77 49.01 -7.12
C VAL B 192 -27.06 48.45 -6.52
N CYS B 193 -28.10 48.23 -7.34
CA CYS B 193 -29.41 47.80 -6.83
C CYS B 193 -29.96 46.54 -7.50
N GLY B 194 -31.25 46.28 -7.29
CA GLY B 194 -32.01 45.33 -8.11
C GLY B 194 -33.53 45.56 -8.14
C1 NAG C . -27.33 -8.19 5.35
C2 NAG C . -27.34 -9.67 4.99
C3 NAG C . -28.08 -9.86 3.68
C4 NAG C . -29.48 -9.26 3.77
C5 NAG C . -29.37 -7.79 4.18
C6 NAG C . -30.72 -7.15 4.41
C7 NAG C . -25.55 -11.07 5.84
C8 NAG C . -24.16 -11.57 5.64
N2 NAG C . -26.01 -10.22 4.92
O3 NAG C . -28.15 -11.24 3.36
O4 NAG C . -30.11 -9.34 2.50
O5 NAG C . -28.64 -7.66 5.41
O6 NAG C . -31.40 -7.80 5.47
O7 NAG C . -26.24 -11.42 6.80
C1 NAG D . 1.58 17.15 16.49
C2 NAG D . 1.05 17.81 17.74
C3 NAG D . -0.43 18.19 17.56
C4 NAG D . -0.60 19.02 16.29
C5 NAG D . 0.07 18.36 15.09
C6 NAG D . 0.12 19.27 13.89
C7 NAG D . 2.09 17.15 19.87
C8 NAG D . 2.13 16.12 20.96
N2 NAG D . 1.21 16.92 18.89
O3 NAG D . -0.89 18.91 18.70
O4 NAG D . -1.99 19.19 16.00
O5 NAG D . 1.44 18.04 15.41
O6 NAG D . 1.11 20.27 14.06
O7 NAG D . 2.82 18.14 19.88
C1 NAG E . -22.45 6.63 -1.61
C2 NAG E . -22.45 7.59 -2.79
C3 NAG E . -22.91 8.97 -2.29
C4 NAG E . -24.25 8.84 -1.59
C5 NAG E . -24.15 7.82 -0.44
C6 NAG E . -25.47 7.57 0.23
C7 NAG E . -20.87 8.15 -4.60
C8 NAG E . -19.41 8.26 -4.96
N2 NAG E . -21.15 7.63 -3.42
O3 NAG E . -23.00 9.89 -3.37
O4 NAG E . -24.61 10.11 -1.04
O5 NAG E . -23.70 6.55 -0.96
O6 NAG E . -26.45 7.10 -0.70
O7 NAG E . -21.75 8.52 -5.38
C1 NAG F . -1.34 4.05 -25.92
C2 NAG F . -2.47 5.05 -26.22
C3 NAG F . -2.21 5.78 -27.54
C4 NAG F . -0.85 6.46 -27.49
C5 NAG F . 0.20 5.37 -27.29
C6 NAG F . 1.61 5.90 -27.23
C7 NAG F . -4.57 4.28 -25.21
C8 NAG F . -5.85 3.56 -25.43
N2 NAG F . -3.76 4.38 -26.27
O3 NAG F . -3.22 6.76 -27.76
O4 NAG F . -0.63 7.20 -28.70
O5 NAG F . -0.06 4.71 -26.04
O6 NAG F . 2.36 5.17 -26.26
O7 NAG F . -4.26 4.76 -24.13
C1 NAG G . -23.16 32.40 -17.89
C2 NAG G . -24.36 33.18 -17.34
C3 NAG G . -25.59 32.26 -17.26
C4 NAG G . -25.89 31.66 -18.62
C5 NAG G . -24.66 30.92 -19.15
C6 NAG G . -24.83 30.42 -20.57
C7 NAG G . -24.02 35.08 -15.84
C8 NAG G . -23.74 35.52 -14.43
N2 NAG G . -24.08 33.77 -16.05
O3 NAG G . -26.72 32.98 -16.79
O4 NAG G . -27.00 30.77 -18.54
O5 NAG G . -23.51 31.79 -19.17
O6 NAG G . -24.73 31.47 -21.52
O7 NAG G . -24.19 35.89 -16.74
#